data_6Z33
#
_entry.id   6Z33
#
_cell.length_a   85.962
_cell.length_b   157.358
_cell.length_c   78.077
_cell.angle_alpha   90.000
_cell.angle_beta   90.000
_cell.angle_gamma   90.000
#
_symmetry.space_group_name_H-M   'P 21 21 2'
#
loop_
_entity.id
_entity.type
_entity.pdbx_description
1 polymer 'Ferric enterobactin receptor'
2 non-polymer ~{N}-[(5~{S})-5-[[2,3-bis(oxidanyl)phenyl]carbonylamino]-6-oxidanylidene-6-(prop-2-ynylamino)hexyl]-2,3-bis(oxidanyl)benzamide
3 non-polymer 1,2-ETHANEDIOL
4 non-polymer 'FE (III) ION'
#
_entity_poly.entity_id   1
_entity_poly.type   'polypeptide(L)'
_entity_poly.pdbx_seq_one_letter_code
;GAMAGQGDGSVIELGEQTVVATAQEETKQAPGVSIITAEDIAKRPPSNDLSQIIRTMPGVNLTGNSSSGQRGNNRQIDIR
GMGPENTLILVDGKPVSSRNSVRYGWRGERDSRGDTNWVPADQVERIEVIRGPAAARYGNGAAGGVVNIITKQAGAETHG
NLSVYSNFPQHKAEGASERMSFGLNGPLTENLSYRVYGNIAKTDSDDWDINAGHESNRTGKQAGTLPAGREGVRNKDIDG
LLSWRLTPEQTLEFEAGFSRQGNIYTGDTQNTNSNNYVKQMLGHETNRMYRETYSVTHRGEWDFGSSLAYLQYEKTRNSR
INEGLAGGTEGIFDPNNAGFYTATLRDLTAHGEVNLPLHLGYEQTLTLGSEWTEQKLDDPSSNTQNTEEGGSIPGLAGKN
RSSSSSARIFSLFAEDNIELMPGTMLTPGLRWDHHDIVGDNWSPSLNLSHALTERVTLKAGIARAYKAPNLYQLNPDYLL
YSRGQGCYGQSTSCYLRGNDGLKAETSVNKELGIEYSHDGLVAGLTYFRNDYKNKIESGLSPVDHASGGKGDYANAAIYQ
WENVPKAVVEGLEGTLTLPLADGLKWSNNLTYMLQSKNKETGDVLSVTPRYTLNSMLDWQATDDLSLQATVTWYGKQKPK
KYDYHGDRVTGSANDQLSPYAIAGLGGTYRLSKNLSLGAGVDNLFDKRLFRAGNAQGVVGIDGAGAATYNEPGRTFYTSL
TASF
;
_entity_poly.pdbx_strand_id   AAA
#
# COMPACT_ATOMS: atom_id res chain seq x y z
N THR A 27 -6.29 17.19 -17.60
CA THR A 27 -6.33 17.50 -16.15
C THR A 27 -5.79 16.26 -15.40
N LYS A 28 -5.57 16.45 -14.09
CA LYS A 28 -4.88 15.48 -13.20
C LYS A 28 -5.92 14.57 -12.55
N GLN A 29 -7.21 14.89 -12.68
CA GLN A 29 -8.33 14.13 -12.06
C GLN A 29 -9.45 13.92 -13.09
N ALA A 30 -9.60 12.70 -13.59
CA ALA A 30 -10.84 12.21 -14.24
C ALA A 30 -11.56 11.32 -13.26
N PRO A 31 -12.83 10.92 -13.53
CA PRO A 31 -13.53 9.94 -12.71
C PRO A 31 -12.81 8.59 -12.66
N GLY A 32 -12.39 8.20 -11.46
CA GLY A 32 -11.75 6.90 -11.18
C GLY A 32 -10.24 6.97 -11.26
N VAL A 33 -9.69 8.07 -11.76
CA VAL A 33 -8.24 8.15 -12.12
C VAL A 33 -7.64 9.48 -11.63
N SER A 34 -6.38 9.43 -11.22
CA SER A 34 -5.56 10.57 -10.78
C SER A 34 -4.13 10.43 -11.33
N ILE A 35 -3.59 11.51 -11.89
CA ILE A 35 -2.13 11.66 -12.16
C ILE A 35 -1.56 12.60 -11.11
N ILE A 36 -0.43 12.21 -10.53
CA ILE A 36 0.48 13.12 -9.78
C ILE A 36 1.70 13.34 -10.66
N THR A 37 2.05 14.59 -10.94
CA THR A 37 3.19 14.94 -11.84
C THR A 37 4.45 15.17 -11.00
N ALA A 38 5.60 15.28 -11.66
CA ALA A 38 6.89 15.63 -11.02
C ALA A 38 6.76 17.00 -10.37
N GLU A 39 6.07 17.92 -11.03
CA GLU A 39 5.83 19.31 -10.53
C GLU A 39 5.05 19.26 -9.20
N ASP A 40 4.08 18.34 -9.05
CA ASP A 40 3.30 18.20 -7.79
C ASP A 40 4.22 17.71 -6.67
N ILE A 41 5.09 16.74 -6.99
CA ILE A 41 6.02 16.14 -6.00
C ILE A 41 6.97 17.23 -5.47
N ALA A 42 7.24 18.24 -6.28
CA ALA A 42 8.23 19.28 -5.96
C ALA A 42 7.60 20.35 -5.07
N LYS A 43 6.28 20.50 -5.14
CA LYS A 43 5.57 21.64 -4.47
C LYS A 43 5.00 21.16 -3.13
N ARG A 44 4.82 19.85 -2.99
CA ARG A 44 4.47 19.18 -1.71
C ARG A 44 5.47 18.04 -1.50
N PRO A 45 6.75 18.36 -1.28
CA PRO A 45 7.79 17.35 -1.09
C PRO A 45 7.46 16.38 0.04
N PRO A 46 7.52 15.06 -0.23
CA PRO A 46 7.39 14.04 0.81
C PRO A 46 8.65 13.99 1.68
N SER A 47 8.48 13.70 2.96
CA SER A 47 9.62 13.41 3.89
C SER A 47 10.54 12.37 3.25
N ASN A 48 9.97 11.24 2.81
CA ASN A 48 10.75 10.07 2.35
C ASN A 48 9.85 9.18 1.47
N ASP A 49 8.87 8.51 2.07
CA ASP A 49 7.91 7.59 1.38
C ASP A 49 6.90 8.40 0.55
N LEU A 50 6.50 7.86 -0.60
CA LEU A 50 5.53 8.52 -1.52
C LEU A 50 4.12 8.45 -0.96
N SER A 51 3.84 7.55 -0.02
CA SER A 51 2.47 7.39 0.51
C SER A 51 1.94 8.78 0.88
N GLN A 52 2.86 9.64 1.32
CA GLN A 52 2.53 10.98 1.85
C GLN A 52 1.76 11.77 0.79
N ILE A 53 2.17 11.68 -0.48
CA ILE A 53 1.54 12.47 -1.57
C ILE A 53 0.50 11.62 -2.31
N ILE A 54 0.75 10.31 -2.44
CA ILE A 54 -0.19 9.40 -3.15
C ILE A 54 -1.56 9.41 -2.43
N ARG A 55 -1.55 9.62 -1.11
CA ARG A 55 -2.77 9.45 -0.26
C ARG A 55 -3.70 10.67 -0.38
N THR A 56 -3.26 11.73 -1.04
CA THR A 56 -4.04 13.00 -1.19
C THR A 56 -4.92 12.93 -2.42
N MET A 57 -4.80 11.85 -3.21
CA MET A 57 -5.70 11.68 -4.37
C MET A 57 -7.08 11.31 -3.85
N PRO A 58 -8.14 11.68 -4.59
CA PRO A 58 -9.48 11.18 -4.31
C PRO A 58 -9.44 9.66 -4.19
N GLY A 59 -10.24 9.12 -3.27
CA GLY A 59 -10.50 7.67 -3.15
C GLY A 59 -9.38 6.95 -2.42
N VAL A 60 -8.34 7.68 -2.04
CA VAL A 60 -7.13 7.07 -1.41
C VAL A 60 -7.05 7.47 0.04
N ASN A 61 -6.79 6.50 0.90
CA ASN A 61 -6.58 6.64 2.36
C ASN A 61 -5.22 6.04 2.72
N LEU A 62 -4.74 6.29 3.93
CA LEU A 62 -3.52 5.67 4.48
C LEU A 62 -3.91 4.93 5.75
N THR A 63 -4.09 3.62 5.65
CA THR A 63 -4.72 2.77 6.70
C THR A 63 -3.93 1.47 6.87
N GLY A 64 -4.21 0.73 7.94
CA GLY A 64 -3.83 -0.69 8.07
C GLY A 64 -4.76 -1.56 7.24
N ASN A 65 -4.51 -2.86 7.19
CA ASN A 65 -5.27 -3.73 6.25
C ASN A 65 -6.57 -4.22 6.91
N SER A 66 -6.58 -4.51 8.21
CA SER A 66 -7.81 -4.77 8.98
C SER A 66 -7.87 -3.78 10.14
N SER A 67 -8.50 -4.15 11.27
CA SER A 67 -9.08 -3.19 12.26
C SER A 67 -8.41 -3.31 13.63
N SER A 68 -7.47 -4.24 13.81
CA SER A 68 -6.81 -4.52 15.12
C SER A 68 -6.07 -3.27 15.62
N GLY A 69 -5.49 -2.51 14.70
CA GLY A 69 -4.63 -1.35 15.02
C GLY A 69 -3.20 -1.79 15.23
N GLN A 70 -2.95 -3.11 15.18
CA GLN A 70 -1.59 -3.73 15.24
C GLN A 70 -0.72 -3.11 14.17
N ARG A 71 0.50 -2.73 14.51
CA ARG A 71 1.47 -2.15 13.55
C ARG A 71 0.82 -0.91 12.94
N GLY A 72 0.11 -0.14 13.77
CA GLY A 72 -0.75 1.00 13.38
C GLY A 72 0.01 2.24 12.91
N ASN A 73 1.30 2.36 13.20
CA ASN A 73 2.14 3.46 12.67
C ASN A 73 2.75 3.01 11.35
N ASN A 74 2.41 1.81 10.87
CA ASN A 74 2.92 1.28 9.59
C ASN A 74 1.77 1.28 8.57
N ARG A 75 1.18 2.45 8.30
CA ARG A 75 -0.01 2.58 7.41
C ARG A 75 0.45 2.62 5.96
N GLN A 76 -0.38 2.12 5.08
CA GLN A 76 -0.10 1.84 3.65
C GLN A 76 -1.26 2.40 2.82
N ILE A 77 -1.03 2.66 1.52
CA ILE A 77 -2.04 3.26 0.62
C ILE A 77 -3.22 2.29 0.49
N ASP A 78 -4.42 2.83 0.69
CA ASP A 78 -5.72 2.12 0.65
C ASP A 78 -6.59 2.82 -0.38
N ILE A 79 -7.13 2.08 -1.34
CA ILE A 79 -8.04 2.65 -2.36
C ILE A 79 -9.48 2.25 -2.02
N ARG A 80 -10.34 3.21 -1.75
CA ARG A 80 -11.79 3.02 -1.58
C ARG A 80 -12.03 1.97 -0.49
N GLY A 81 -11.24 2.00 0.58
CA GLY A 81 -11.51 1.25 1.82
C GLY A 81 -11.38 -0.25 1.64
N MET A 82 -10.74 -0.67 0.54
CA MET A 82 -10.61 -2.10 0.15
C MET A 82 -9.37 -2.69 0.83
N GLY A 83 -8.63 -1.86 1.55
CA GLY A 83 -7.39 -2.27 2.24
C GLY A 83 -6.20 -2.25 1.30
N PRO A 84 -4.96 -2.13 1.84
CA PRO A 84 -3.76 -1.95 1.05
C PRO A 84 -3.19 -3.23 0.42
N GLU A 85 -3.66 -4.39 0.84
CA GLU A 85 -3.37 -5.68 0.16
C GLU A 85 -4.12 -5.76 -1.17
N ASN A 86 -5.07 -4.86 -1.40
CA ASN A 86 -5.85 -4.81 -2.66
C ASN A 86 -5.47 -3.57 -3.46
N THR A 87 -4.33 -2.98 -3.12
CA THR A 87 -3.67 -1.88 -3.85
C THR A 87 -2.37 -2.40 -4.46
N LEU A 88 -2.37 -2.61 -5.77
CA LEU A 88 -1.23 -3.15 -6.56
C LEU A 88 -0.27 -2.03 -6.95
N ILE A 89 0.97 -2.08 -6.45
CA ILE A 89 2.05 -1.09 -6.69
C ILE A 89 2.90 -1.55 -7.89
N LEU A 90 2.97 -0.74 -8.93
CA LEU A 90 3.87 -0.97 -10.09
C LEU A 90 4.95 0.09 -10.10
N VAL A 91 6.15 -0.26 -10.58
CA VAL A 91 7.19 0.71 -10.98
C VAL A 91 7.47 0.53 -12.48
N ASP A 92 7.03 1.51 -13.27
CA ASP A 92 7.14 1.50 -14.75
C ASP A 92 6.37 0.29 -15.26
N GLY A 93 5.22 0.00 -14.64
CA GLY A 93 4.25 -1.02 -15.09
C GLY A 93 4.65 -2.44 -14.70
N LYS A 94 5.61 -2.58 -13.78
CA LYS A 94 6.18 -3.87 -13.31
C LYS A 94 5.89 -4.05 -11.81
N PRO A 95 5.20 -5.15 -11.41
CA PRO A 95 4.72 -5.30 -10.03
C PRO A 95 5.84 -5.33 -8.98
N VAL A 96 5.57 -4.71 -7.84
CA VAL A 96 6.36 -4.76 -6.58
C VAL A 96 5.66 -5.73 -5.62
N SER A 97 6.33 -6.79 -5.17
CA SER A 97 5.69 -7.84 -4.33
C SER A 97 6.45 -8.06 -3.03
N SER A 98 7.40 -7.17 -2.72
CA SER A 98 8.38 -7.28 -1.58
C SER A 98 7.65 -7.49 -0.24
N ARG A 99 6.52 -6.84 -0.04
CA ARG A 99 5.86 -6.90 1.30
C ARG A 99 5.30 -8.31 1.53
N ASN A 100 5.08 -9.07 0.46
CA ASN A 100 4.61 -10.48 0.53
C ASN A 100 5.69 -11.36 1.18
N SER A 101 6.88 -10.81 1.48
CA SER A 101 7.98 -11.50 2.22
C SER A 101 7.85 -11.33 3.75
N VAL A 102 6.91 -10.51 4.22
CA VAL A 102 6.73 -10.24 5.68
C VAL A 102 5.56 -11.08 6.20
N ARG A 103 5.73 -11.76 7.33
CA ARG A 103 4.66 -12.61 7.93
C ARG A 103 3.34 -11.85 7.93
N TYR A 104 2.28 -12.44 7.36
CA TYR A 104 0.86 -12.00 7.45
C TYR A 104 0.23 -12.58 8.72
N GLY A 105 -0.14 -11.71 9.67
CA GLY A 105 -0.54 -12.05 11.03
C GLY A 105 -2.04 -12.35 11.13
N TRP A 106 -2.46 -12.82 12.31
CA TRP A 106 -3.83 -13.31 12.63
C TRP A 106 -4.86 -12.23 12.24
N ARG A 107 -4.51 -10.96 12.41
CA ARG A 107 -5.44 -9.81 12.24
C ARG A 107 -5.15 -9.10 10.92
N GLY A 108 -4.45 -9.76 9.98
CA GLY A 108 -4.36 -9.30 8.57
C GLY A 108 -3.41 -8.13 8.42
N GLU A 109 -2.43 -8.02 9.30
CA GLU A 109 -1.36 -7.00 9.22
C GLU A 109 -0.04 -7.72 9.10
N ARG A 110 0.90 -7.04 8.45
CA ARG A 110 2.33 -7.40 8.33
C ARG A 110 3.12 -6.29 9.01
N ASP A 111 4.20 -6.62 9.71
CA ASP A 111 5.14 -5.58 10.24
C ASP A 111 5.97 -5.09 9.07
N SER A 112 5.28 -4.46 8.11
CA SER A 112 5.83 -3.93 6.83
C SER A 112 5.52 -2.44 6.73
N ARG A 113 6.46 -1.63 6.23
CA ARG A 113 6.22 -0.19 5.95
C ARG A 113 5.52 0.00 4.60
N GLY A 114 5.38 -1.10 3.84
CA GLY A 114 4.67 -1.16 2.55
C GLY A 114 5.65 -1.08 1.43
N ASP A 115 5.17 -0.91 0.19
CA ASP A 115 6.02 -0.92 -1.04
C ASP A 115 5.87 0.40 -1.83
N THR A 116 5.79 1.55 -1.16
CA THR A 116 5.73 2.86 -1.87
C THR A 116 7.00 3.67 -1.58
N ASN A 117 8.07 3.04 -1.11
CA ASN A 117 9.30 3.75 -0.66
C ASN A 117 10.50 3.17 -1.39
N TRP A 118 10.31 2.47 -2.52
CA TRP A 118 11.41 1.76 -3.24
C TRP A 118 12.06 2.72 -4.25
N VAL A 119 11.25 3.58 -4.86
CA VAL A 119 11.68 4.65 -5.81
C VAL A 119 11.76 5.97 -5.06
N PRO A 120 12.88 6.71 -5.18
CA PRO A 120 13.02 7.98 -4.47
C PRO A 120 12.21 9.05 -5.16
N ALA A 121 11.52 9.88 -4.38
CA ALA A 121 10.56 10.91 -4.83
C ALA A 121 11.11 11.68 -6.06
N ASP A 122 12.34 12.18 -6.00
CA ASP A 122 12.81 13.21 -6.96
C ASP A 122 13.26 12.55 -8.28
N GLN A 123 13.28 11.22 -8.36
CA GLN A 123 13.56 10.53 -9.66
C GLN A 123 12.25 10.05 -10.29
N VAL A 124 11.11 10.40 -9.71
CA VAL A 124 9.79 10.00 -10.25
C VAL A 124 9.36 11.06 -11.26
N GLU A 125 8.99 10.62 -12.45
CA GLU A 125 8.37 11.47 -13.51
C GLU A 125 6.92 11.72 -13.11
N ARG A 126 6.14 10.65 -12.92
CA ARG A 126 4.71 10.79 -12.55
C ARG A 126 4.19 9.53 -11.86
N ILE A 127 3.09 9.66 -11.12
CA ILE A 127 2.38 8.51 -10.49
C ILE A 127 0.96 8.45 -11.03
N GLU A 128 0.55 7.27 -11.46
CA GLU A 128 -0.82 6.99 -11.94
C GLU A 128 -1.58 6.23 -10.86
N VAL A 129 -2.74 6.73 -10.43
CA VAL A 129 -3.65 6.00 -9.50
C VAL A 129 -4.92 5.65 -10.26
N ILE A 130 -5.22 4.36 -10.36
CA ILE A 130 -6.37 3.82 -11.13
C ILE A 130 -7.25 3.06 -10.17
N ARG A 131 -8.49 3.51 -9.95
CA ARG A 131 -9.34 3.04 -8.84
C ARG A 131 -10.57 2.31 -9.40
N GLY A 132 -10.85 1.12 -8.89
CA GLY A 132 -12.13 0.40 -9.07
C GLY A 132 -12.19 -0.31 -10.41
N PRO A 133 -13.34 -0.23 -11.10
CA PRO A 133 -13.60 -1.06 -12.27
C PRO A 133 -12.59 -0.85 -13.40
N ALA A 134 -11.92 0.30 -13.46
CA ALA A 134 -10.86 0.63 -14.44
C ALA A 134 -9.55 -0.10 -14.10
N ALA A 135 -9.44 -0.70 -12.90
CA ALA A 135 -8.20 -1.34 -12.39
C ALA A 135 -8.30 -2.87 -12.45
N ALA A 136 -9.53 -3.42 -12.53
CA ALA A 136 -9.82 -4.87 -12.51
C ALA A 136 -8.98 -5.60 -13.56
N ARG A 137 -8.75 -4.96 -14.70
CA ARG A 137 -8.07 -5.54 -15.89
C ARG A 137 -6.59 -5.82 -15.55
N TYR A 138 -6.08 -5.29 -14.44
CA TYR A 138 -4.66 -5.55 -14.05
C TYR A 138 -4.59 -6.85 -13.22
N GLY A 139 -5.75 -7.34 -12.79
CA GLY A 139 -5.91 -8.70 -12.25
C GLY A 139 -5.57 -8.73 -10.77
N ASN A 140 -4.64 -9.61 -10.39
CA ASN A 140 -4.48 -10.10 -9.01
C ASN A 140 -4.01 -8.96 -8.11
N GLY A 141 -4.88 -8.52 -7.21
CA GLY A 141 -4.61 -7.60 -6.10
C GLY A 141 -4.91 -6.17 -6.47
N ALA A 142 -5.71 -5.95 -7.52
CA ALA A 142 -6.15 -4.63 -8.02
C ALA A 142 -7.59 -4.36 -7.62
N ALA A 143 -8.15 -5.16 -6.72
CA ALA A 143 -9.56 -5.04 -6.25
C ALA A 143 -9.82 -3.64 -5.66
N GLY A 144 -8.80 -3.03 -5.05
CA GLY A 144 -8.86 -1.61 -4.63
C GLY A 144 -8.53 -0.70 -5.80
N GLY A 145 -7.29 -0.82 -6.28
CA GLY A 145 -6.81 -0.17 -7.51
C GLY A 145 -5.35 -0.43 -7.77
N VAL A 146 -4.78 0.32 -8.72
CA VAL A 146 -3.36 0.28 -9.12
C VAL A 146 -2.74 1.63 -8.84
N VAL A 147 -1.54 1.62 -8.28
CA VAL A 147 -0.63 2.79 -8.17
C VAL A 147 0.62 2.46 -9.00
N ASN A 148 0.82 3.16 -10.12
CA ASN A 148 1.98 2.95 -11.03
C ASN A 148 2.96 4.12 -10.90
N ILE A 149 4.09 3.90 -10.25
CA ILE A 149 5.14 4.93 -10.00
C ILE A 149 6.08 4.97 -11.20
N ILE A 150 6.06 6.04 -11.98
CA ILE A 150 6.79 6.10 -13.29
C ILE A 150 8.04 6.95 -13.12
N THR A 151 9.18 6.41 -13.57
CA THR A 151 10.52 7.02 -13.40
C THR A 151 10.81 7.95 -14.57
N LYS A 152 11.67 8.94 -14.35
CA LYS A 152 12.19 9.82 -15.41
C LYS A 152 13.16 9.00 -16.25
N GLN A 153 13.09 9.20 -17.57
CA GLN A 153 13.83 8.47 -18.64
C GLN A 153 14.84 9.40 -19.31
N ALA A 154 15.78 8.82 -20.06
CA ALA A 154 16.74 9.53 -20.94
C ALA A 154 15.97 10.30 -22.01
N GLY A 155 16.58 11.36 -22.57
CA GLY A 155 15.98 12.18 -23.62
C GLY A 155 16.64 11.93 -24.97
N ALA A 156 16.63 12.96 -25.84
CA ALA A 156 17.37 13.02 -27.13
C ALA A 156 18.84 13.40 -26.87
N GLU A 157 19.09 14.23 -25.85
CA GLU A 157 20.45 14.55 -25.30
C GLU A 157 20.60 13.96 -23.90
N THR A 158 21.76 14.17 -23.27
CA THR A 158 22.03 13.79 -21.84
C THR A 158 21.51 14.91 -20.92
N HIS A 159 20.69 14.52 -19.94
CA HIS A 159 20.25 15.34 -18.78
C HIS A 159 20.63 14.62 -17.49
N GLY A 160 20.65 15.37 -16.37
CA GLY A 160 20.84 14.85 -15.00
C GLY A 160 20.38 15.83 -13.93
N ASN A 161 20.21 15.37 -12.69
CA ASN A 161 19.75 16.18 -11.52
C ASN A 161 20.48 15.74 -10.25
N LEU A 162 20.56 16.64 -9.27
CA LEU A 162 21.04 16.38 -7.88
C LEU A 162 20.05 17.04 -6.90
N SER A 163 19.27 16.21 -6.19
CA SER A 163 18.14 16.68 -5.34
C SER A 163 18.42 16.33 -3.87
N VAL A 164 18.24 17.29 -2.98
CA VAL A 164 18.53 17.18 -1.53
C VAL A 164 17.34 17.77 -0.77
N TYR A 165 16.81 17.06 0.22
CA TYR A 165 15.66 17.51 1.03
C TYR A 165 15.92 17.14 2.48
N SER A 166 15.53 18.01 3.40
CA SER A 166 15.91 17.96 4.83
C SER A 166 14.82 18.65 5.62
N ASN A 167 14.20 17.95 6.57
CA ASN A 167 13.15 18.56 7.41
C ASN A 167 13.61 18.59 8.87
N PHE A 168 12.87 19.35 9.69
CA PHE A 168 13.28 19.85 11.02
C PHE A 168 12.04 19.97 11.91
N PRO A 169 11.69 18.91 12.67
CA PRO A 169 10.51 18.93 13.51
C PRO A 169 10.67 19.98 14.62
N GLN A 170 9.56 20.59 15.05
CA GLN A 170 9.47 21.51 16.23
C GLN A 170 9.79 20.72 17.50
N HIS A 171 9.19 19.54 17.63
CA HIS A 171 9.36 18.61 18.77
C HIS A 171 10.42 17.58 18.39
N LYS A 172 11.45 17.42 19.23
CA LYS A 172 12.68 16.60 18.96
C LYS A 172 12.32 15.11 19.01
N ALA A 173 11.30 14.74 19.78
CA ALA A 173 10.79 13.35 19.86
C ALA A 173 10.59 12.80 18.44
N GLU A 174 9.93 13.57 17.60
CA GLU A 174 9.54 13.17 16.21
C GLU A 174 10.80 13.15 15.34
N GLY A 175 10.89 12.14 14.49
CA GLY A 175 12.06 11.88 13.63
C GLY A 175 12.07 12.77 12.41
N ALA A 176 13.18 13.48 12.21
CA ALA A 176 13.50 14.28 11.02
C ALA A 176 13.95 13.34 9.90
N SER A 177 13.89 13.82 8.65
CA SER A 177 14.17 13.05 7.41
C SER A 177 15.18 13.82 6.55
N GLU A 178 16.15 13.12 5.97
CA GLU A 178 17.17 13.67 5.04
C GLU A 178 17.29 12.74 3.83
N ARG A 179 17.43 13.32 2.64
CA ARG A 179 17.23 12.64 1.34
C ARG A 179 18.18 13.29 0.33
N MET A 180 19.04 12.49 -0.33
CA MET A 180 19.92 12.92 -1.45
C MET A 180 19.78 11.91 -2.58
N SER A 181 19.31 12.34 -3.75
CA SER A 181 19.23 11.50 -4.96
C SER A 181 19.85 12.23 -6.15
N PHE A 182 20.58 11.52 -7.00
CA PHE A 182 20.94 12.00 -8.36
C PHE A 182 20.12 11.24 -9.40
N GLY A 183 20.14 11.75 -10.63
CA GLY A 183 19.69 11.07 -11.85
C GLY A 183 20.56 11.49 -13.02
N LEU A 184 20.75 10.62 -13.98
CA LEU A 184 21.72 10.88 -15.07
C LEU A 184 21.41 9.96 -16.23
N ASN A 185 21.09 10.55 -17.38
CA ASN A 185 20.48 9.86 -18.55
C ASN A 185 21.02 10.50 -19.82
N GLY A 186 20.92 9.78 -20.95
CA GLY A 186 21.27 10.29 -22.29
C GLY A 186 21.57 9.18 -23.29
N PRO A 187 22.02 9.52 -24.52
CA PRO A 187 22.42 8.50 -25.48
C PRO A 187 23.80 7.96 -25.11
N LEU A 188 24.21 6.84 -25.73
CA LEU A 188 25.61 6.37 -25.78
C LEU A 188 26.02 6.15 -27.24
N THR A 189 25.14 5.53 -28.04
CA THR A 189 25.13 5.61 -29.53
C THR A 189 23.82 6.31 -29.95
N GLU A 190 23.49 6.29 -31.25
CA GLU A 190 22.23 6.91 -31.78
C GLU A 190 21.05 5.93 -31.65
N ASN A 191 21.33 4.65 -31.40
CA ASN A 191 20.29 3.63 -31.11
C ASN A 191 20.58 2.95 -29.76
N LEU A 192 21.35 3.61 -28.88
CA LEU A 192 21.52 3.19 -27.46
C LEU A 192 21.30 4.38 -26.51
N SER A 193 20.33 4.25 -25.60
CA SER A 193 20.08 5.17 -24.44
C SER A 193 20.42 4.45 -23.13
N TYR A 194 20.64 5.23 -22.07
CA TYR A 194 20.68 4.80 -20.65
C TYR A 194 19.97 5.84 -19.77
N ARG A 195 19.44 5.40 -18.62
CA ARG A 195 19.21 6.27 -17.43
C ARG A 195 19.66 5.52 -16.17
N VAL A 196 20.36 6.21 -15.27
CA VAL A 196 20.71 5.73 -13.92
C VAL A 196 20.26 6.78 -12.90
N TYR A 197 19.89 6.31 -11.70
CA TYR A 197 19.75 7.13 -10.48
C TYR A 197 20.26 6.35 -9.28
N GLY A 198 20.53 7.09 -8.22
CA GLY A 198 20.92 6.57 -6.91
C GLY A 198 20.39 7.49 -5.82
N ASN A 199 19.86 6.89 -4.76
CA ASN A 199 19.29 7.65 -3.62
C ASN A 199 19.91 7.14 -2.32
N ILE A 200 20.26 8.08 -1.44
CA ILE A 200 20.56 7.81 0.00
C ILE A 200 19.66 8.70 0.86
N ALA A 201 18.93 8.10 1.79
CA ALA A 201 17.89 8.76 2.62
C ALA A 201 17.85 8.12 4.02
N LYS A 202 17.32 8.84 4.99
CA LYS A 202 17.13 8.38 6.38
C LYS A 202 15.98 9.18 7.01
N THR A 203 15.01 8.46 7.58
CA THR A 203 13.97 8.99 8.46
C THR A 203 14.25 8.47 9.87
N ASP A 204 14.73 9.34 10.76
CA ASP A 204 14.97 9.01 12.19
C ASP A 204 13.66 8.49 12.76
N SER A 205 13.73 7.51 13.66
CA SER A 205 12.56 6.97 14.40
C SER A 205 12.03 8.06 15.32
N ASP A 206 10.78 7.98 15.74
CA ASP A 206 10.29 8.76 16.89
C ASP A 206 11.01 8.23 18.15
N ASP A 207 11.27 9.10 19.11
CA ASP A 207 11.84 8.72 20.42
C ASP A 207 11.01 7.58 20.99
N TRP A 208 11.64 6.64 21.69
CA TRP A 208 11.01 5.46 22.32
C TRP A 208 9.84 5.90 23.22
N ASP A 209 9.82 7.16 23.65
CA ASP A 209 8.94 7.61 24.76
C ASP A 209 7.97 8.71 24.28
N ILE A 210 7.84 8.90 22.96
CA ILE A 210 7.00 9.98 22.35
C ILE A 210 5.56 9.87 22.83
N ASN A 211 5.09 8.64 23.06
CA ASN A 211 3.67 8.35 23.41
C ASN A 211 3.47 8.28 24.92
N ALA A 212 4.50 8.62 25.72
CA ALA A 212 4.43 8.63 27.20
C ALA A 212 3.39 9.68 27.65
N GLY A 213 2.47 9.28 28.53
CA GLY A 213 1.39 10.14 29.03
C GLY A 213 0.17 10.12 28.10
N HIS A 214 0.27 9.45 26.95
CA HIS A 214 -0.84 9.29 25.97
C HIS A 214 -1.28 7.83 25.90
N GLU A 215 -0.41 6.91 26.34
CA GLU A 215 -0.66 5.45 26.29
C GLU A 215 -1.99 5.12 26.97
N SER A 216 -2.66 4.05 26.50
CA SER A 216 -3.76 3.36 27.20
C SER A 216 -3.31 2.93 28.60
N ASN A 217 -4.27 2.68 29.48
CA ASN A 217 -4.09 2.22 30.89
C ASN A 217 -3.40 0.85 30.87
N ARG A 218 -2.23 0.74 31.51
CA ARG A 218 -1.38 -0.48 31.46
C ARG A 218 -0.95 -0.87 32.89
N THR A 219 -1.42 -2.04 33.34
CA THR A 219 -1.42 -2.47 34.76
C THR A 219 -0.91 -3.92 34.85
N GLY A 220 -0.47 -4.34 36.04
CA GLY A 220 0.04 -5.70 36.30
C GLY A 220 1.33 -5.96 35.54
N LYS A 221 1.45 -7.13 34.92
CA LYS A 221 2.65 -7.53 34.14
C LYS A 221 2.95 -6.45 33.08
N GLN A 222 1.94 -5.75 32.57
CA GLN A 222 2.13 -4.88 31.37
C GLN A 222 2.38 -3.42 31.80
N ALA A 223 2.47 -3.17 33.11
CA ALA A 223 2.77 -1.83 33.65
C ALA A 223 4.11 -1.39 33.05
N GLY A 224 4.16 -0.14 32.57
CA GLY A 224 5.37 0.48 32.01
C GLY A 224 5.43 0.37 30.50
N THR A 225 4.62 -0.52 29.89
CA THR A 225 4.65 -0.80 28.42
C THR A 225 4.33 0.49 27.67
N LEU A 226 4.79 0.62 26.41
CA LEU A 226 4.46 1.80 25.58
C LEU A 226 4.08 1.36 24.18
N PRO A 227 3.02 1.99 23.60
CA PRO A 227 2.80 1.96 22.17
C PRO A 227 3.81 2.89 21.50
N ALA A 228 4.39 2.42 20.40
CA ALA A 228 5.60 2.99 19.77
C ALA A 228 5.19 4.15 18.84
N GLY A 229 6.14 5.06 18.61
CA GLY A 229 6.03 6.05 17.52
C GLY A 229 6.39 5.42 16.18
N ARG A 230 6.69 6.26 15.20
CA ARG A 230 7.05 5.83 13.84
C ARG A 230 8.43 5.16 13.88
N GLU A 231 8.52 3.99 13.28
CA GLU A 231 9.78 3.31 12.87
C GLU A 231 10.58 4.29 12.00
N GLY A 232 11.89 4.34 12.17
CA GLY A 232 12.79 5.03 11.22
C GLY A 232 13.16 4.08 10.11
N VAL A 233 13.76 4.59 9.04
CA VAL A 233 14.26 3.76 7.90
C VAL A 233 15.48 4.43 7.31
N ARG A 234 16.49 3.65 6.93
CA ARG A 234 17.60 4.05 6.04
C ARG A 234 17.38 3.42 4.67
N ASN A 235 17.39 4.23 3.59
CA ASN A 235 17.24 3.78 2.19
C ASN A 235 18.59 3.83 1.44
N LYS A 236 18.85 2.86 0.58
CA LYS A 236 19.91 2.91 -0.46
C LYS A 236 19.36 2.32 -1.77
N ASP A 237 19.10 3.16 -2.75
CA ASP A 237 18.47 2.75 -4.03
C ASP A 237 19.43 3.10 -5.17
N ILE A 238 19.62 2.16 -6.08
CA ILE A 238 20.48 2.26 -7.28
C ILE A 238 19.74 1.56 -8.42
N ASP A 239 19.39 2.31 -9.47
CA ASP A 239 18.81 1.71 -10.70
C ASP A 239 19.68 2.09 -11.89
N GLY A 240 19.98 1.09 -12.74
CA GLY A 240 20.59 1.28 -14.06
C GLY A 240 19.70 0.69 -15.13
N LEU A 241 19.48 1.46 -16.21
CA LEU A 241 18.67 1.06 -17.39
C LEU A 241 19.47 1.36 -18.66
N LEU A 242 19.56 0.37 -19.58
CA LEU A 242 20.00 0.54 -20.99
C LEU A 242 18.80 0.28 -21.92
N SER A 243 18.40 1.29 -22.70
CA SER A 243 17.43 1.15 -23.83
C SER A 243 18.21 0.98 -25.15
N TRP A 244 17.79 0.03 -25.97
CA TRP A 244 18.45 -0.35 -27.26
C TRP A 244 17.37 -0.53 -28.32
N ARG A 245 17.30 0.41 -29.26
CA ARG A 245 16.24 0.44 -30.30
C ARG A 245 16.83 -0.09 -31.61
N LEU A 246 17.02 -1.39 -31.66
CA LEU A 246 17.92 -2.10 -32.61
C LEU A 246 17.35 -2.03 -34.03
N THR A 247 16.10 -1.58 -34.17
CA THR A 247 15.46 -1.24 -35.48
C THR A 247 14.63 0.02 -35.32
N PRO A 248 14.11 0.58 -36.46
CA PRO A 248 13.25 1.76 -36.41
C PRO A 248 12.06 1.53 -35.46
N GLU A 249 11.45 0.34 -35.50
CA GLU A 249 10.19 0.02 -34.77
C GLU A 249 10.42 -1.21 -33.88
N GLN A 250 11.35 -1.12 -32.94
CA GLN A 250 11.80 -2.27 -32.12
C GLN A 250 12.78 -1.76 -31.06
N THR A 251 12.35 -1.70 -29.80
CA THR A 251 13.16 -1.22 -28.65
C THR A 251 13.30 -2.34 -27.62
N LEU A 252 14.50 -2.49 -27.06
CA LEU A 252 14.88 -3.55 -26.08
C LEU A 252 15.55 -2.90 -24.87
N GLU A 253 14.94 -3.04 -23.69
CA GLU A 253 15.38 -2.41 -22.42
C GLU A 253 15.90 -3.50 -21.47
N PHE A 254 17.05 -3.26 -20.84
CA PHE A 254 17.56 -4.02 -19.67
C PHE A 254 17.72 -3.07 -18.48
N GLU A 255 17.14 -3.42 -17.33
CA GLU A 255 17.44 -2.67 -16.09
C GLU A 255 17.57 -3.60 -14.89
N ALA A 256 18.46 -3.21 -13.99
CA ALA A 256 18.66 -3.82 -12.67
C ALA A 256 18.39 -2.77 -11.59
N GLY A 257 17.74 -3.19 -10.49
CA GLY A 257 17.51 -2.38 -9.29
C GLY A 257 18.11 -3.04 -8.06
N PHE A 258 18.94 -2.30 -7.31
CA PHE A 258 19.41 -2.66 -5.95
C PHE A 258 18.88 -1.64 -4.94
N SER A 259 18.00 -2.05 -4.03
CA SER A 259 17.51 -1.21 -2.91
C SER A 259 17.73 -1.95 -1.58
N ARG A 260 17.82 -1.19 -0.50
CA ARG A 260 18.05 -1.69 0.89
C ARG A 260 17.38 -0.73 1.89
N GLN A 261 16.40 -1.21 2.65
CA GLN A 261 15.83 -0.46 3.78
C GLN A 261 16.19 -1.21 5.05
N GLY A 262 16.87 -0.54 5.96
CA GLY A 262 17.10 -1.00 7.34
C GLY A 262 16.37 -0.08 8.28
N ASN A 263 15.71 -0.62 9.29
CA ASN A 263 14.90 0.27 10.16
C ASN A 263 15.79 0.83 11.25
N ILE A 264 15.20 1.75 12.02
CA ILE A 264 15.60 2.15 13.40
C ILE A 264 14.44 1.81 14.34
N TYR A 265 14.65 0.81 15.20
CA TYR A 265 13.56 0.23 16.03
C TYR A 265 13.21 1.22 17.16
N THR A 266 11.92 1.46 17.41
CA THR A 266 11.49 2.38 18.51
C THR A 266 10.37 1.74 19.37
N GLY A 267 10.40 0.42 19.54
CA GLY A 267 9.68 -0.29 20.62
C GLY A 267 8.40 -0.96 20.13
N ASP A 268 8.04 -0.75 18.86
CA ASP A 268 6.80 -1.34 18.27
C ASP A 268 6.82 -2.87 18.46
N THR A 269 5.70 -3.42 18.96
CA THR A 269 5.38 -4.87 19.02
C THR A 269 3.90 -5.05 18.63
N GLN A 270 3.53 -6.21 18.09
CA GLN A 270 2.12 -6.47 17.69
C GLN A 270 1.15 -5.97 18.78
N ASN A 271 1.34 -6.36 20.04
CA ASN A 271 0.29 -6.11 21.07
C ASN A 271 0.70 -4.93 21.96
N THR A 272 1.88 -4.33 21.73
CA THR A 272 2.45 -3.21 22.54
C THR A 272 2.91 -3.73 23.92
N ASN A 273 2.98 -5.05 24.10
CA ASN A 273 3.72 -5.71 25.21
C ASN A 273 5.22 -5.51 24.99
N SER A 274 6.02 -5.70 26.04
CA SER A 274 7.49 -5.50 26.03
C SER A 274 8.19 -6.69 26.68
N ASN A 275 9.47 -6.83 26.40
CA ASN A 275 10.40 -7.70 27.16
C ASN A 275 11.78 -7.03 27.08
N ASN A 276 12.85 -7.70 27.51
CA ASN A 276 14.20 -7.10 27.65
C ASN A 276 14.84 -6.93 26.27
N TYR A 277 14.63 -7.91 25.38
CA TYR A 277 15.22 -7.94 24.01
C TYR A 277 14.74 -6.70 23.23
N VAL A 278 13.43 -6.42 23.28
CA VAL A 278 12.80 -5.20 22.74
C VAL A 278 13.68 -4.00 23.12
N LYS A 279 13.90 -3.79 24.41
CA LYS A 279 14.54 -2.56 24.94
C LYS A 279 16.00 -2.52 24.49
N GLN A 280 16.69 -3.66 24.52
CA GLN A 280 18.08 -3.82 24.01
C GLN A 280 18.18 -3.23 22.58
N MET A 281 17.10 -3.28 21.80
CA MET A 281 17.18 -3.04 20.33
C MET A 281 16.69 -1.63 20.01
N LEU A 282 16.23 -0.87 21.01
CA LEU A 282 15.83 0.54 20.76
C LEU A 282 17.00 1.30 20.12
N GLY A 283 16.81 1.77 18.88
CA GLY A 283 17.78 2.61 18.15
C GLY A 283 18.64 1.78 17.20
N HIS A 284 18.40 0.48 17.13
CA HIS A 284 19.15 -0.48 16.29
C HIS A 284 18.26 -0.95 15.13
N GLU A 285 18.92 -1.43 14.08
CA GLU A 285 18.32 -2.09 12.90
C GLU A 285 17.91 -3.52 13.27
N THR A 286 16.60 -3.80 13.25
CA THR A 286 15.97 -5.07 13.70
C THR A 286 15.24 -5.76 12.53
N ASN A 287 15.00 -5.02 11.44
CA ASN A 287 14.67 -5.58 10.09
C ASN A 287 15.51 -4.85 9.02
N ARG A 288 16.05 -5.61 8.06
CA ARG A 288 16.59 -5.08 6.79
C ARG A 288 15.94 -5.82 5.61
N MET A 289 15.38 -5.05 4.66
CA MET A 289 14.86 -5.55 3.36
C MET A 289 15.86 -5.17 2.28
N TYR A 290 16.48 -6.16 1.64
CA TYR A 290 17.22 -5.97 0.38
C TYR A 290 16.26 -6.30 -0.77
N ARG A 291 16.08 -5.37 -1.72
CA ARG A 291 15.22 -5.62 -2.91
C ARG A 291 16.09 -5.55 -4.15
N GLU A 292 16.14 -6.64 -4.91
CA GLU A 292 16.87 -6.75 -6.20
C GLU A 292 15.86 -7.01 -7.33
N THR A 293 15.87 -6.15 -8.35
CA THR A 293 15.02 -6.29 -9.56
C THR A 293 15.92 -6.30 -10.80
N TYR A 294 15.81 -7.33 -11.65
CA TYR A 294 16.31 -7.28 -13.05
C TYR A 294 15.11 -7.42 -13.97
N SER A 295 15.10 -6.65 -15.05
CA SER A 295 13.97 -6.63 -16.01
C SER A 295 14.51 -6.57 -17.44
N VAL A 296 13.97 -7.42 -18.31
CA VAL A 296 14.11 -7.29 -19.79
C VAL A 296 12.75 -6.90 -20.36
N THR A 297 12.72 -5.78 -21.09
CA THR A 297 11.52 -5.17 -21.70
C THR A 297 11.80 -4.92 -23.18
N HIS A 298 10.99 -5.52 -24.05
CA HIS A 298 10.96 -5.28 -25.52
C HIS A 298 9.68 -4.49 -25.87
N ARG A 299 9.87 -3.37 -26.57
CA ARG A 299 8.78 -2.45 -26.98
C ARG A 299 8.74 -2.39 -28.51
N GLY A 300 7.58 -2.67 -29.12
CA GLY A 300 7.39 -2.72 -30.57
C GLY A 300 6.31 -1.76 -31.07
N GLU A 301 6.51 -1.15 -32.25
CA GLU A 301 5.63 -0.12 -32.86
C GLU A 301 5.75 -0.17 -34.39
N TRP A 302 4.67 -0.55 -35.10
CA TRP A 302 4.66 -0.73 -36.58
C TRP A 302 3.27 -0.42 -37.16
N ASP A 303 3.06 -0.78 -38.44
CA ASP A 303 1.80 -0.58 -39.22
C ASP A 303 0.60 -1.03 -38.36
N PHE A 304 0.49 -2.34 -38.13
CA PHE A 304 -0.68 -3.04 -37.54
C PHE A 304 -0.96 -2.48 -36.14
N GLY A 305 0.10 -2.14 -35.41
CA GLY A 305 -0.02 -1.41 -34.12
C GLY A 305 1.22 -1.54 -33.26
N SER A 306 1.03 -1.80 -31.97
CA SER A 306 2.03 -1.62 -30.88
C SER A 306 2.17 -2.93 -30.10
N SER A 307 3.39 -3.28 -29.68
CA SER A 307 3.69 -4.53 -28.91
C SER A 307 4.55 -4.21 -27.67
N LEU A 308 4.31 -4.93 -26.58
CA LEU A 308 5.07 -4.81 -25.29
C LEU A 308 5.12 -6.17 -24.58
N ALA A 309 6.29 -6.58 -24.10
CA ALA A 309 6.50 -7.79 -23.26
C ALA A 309 7.67 -7.55 -22.29
N TYR A 310 7.58 -8.09 -21.06
CA TYR A 310 8.69 -7.93 -20.08
C TYR A 310 8.87 -9.23 -19.29
N LEU A 311 10.12 -9.44 -18.86
CA LEU A 311 10.52 -10.39 -17.80
C LEU A 311 11.07 -9.58 -16.61
N GLN A 312 10.41 -9.66 -15.46
CA GLN A 312 10.95 -9.13 -14.17
C GLN A 312 11.25 -10.31 -13.24
N TYR A 313 12.45 -10.30 -12.65
CA TYR A 313 12.85 -11.11 -11.46
C TYR A 313 13.05 -10.15 -10.30
N GLU A 314 12.12 -10.18 -9.35
CA GLU A 314 12.20 -9.47 -8.04
C GLU A 314 12.62 -10.48 -6.98
N LYS A 315 13.76 -10.26 -6.31
CA LYS A 315 14.25 -11.10 -5.19
C LYS A 315 14.32 -10.24 -3.93
N THR A 316 13.49 -10.55 -2.95
CA THR A 316 13.41 -9.81 -1.69
C THR A 316 13.99 -10.68 -0.57
N ARG A 317 14.97 -10.15 0.18
CA ARG A 317 15.53 -10.74 1.41
C ARG A 317 15.01 -9.93 2.61
N ASN A 318 14.15 -10.52 3.43
CA ASN A 318 13.54 -9.87 4.61
C ASN A 318 14.25 -10.43 5.85
N SER A 319 15.35 -9.80 6.28
CA SER A 319 16.16 -10.28 7.44
C SER A 319 15.73 -9.53 8.70
N ARG A 320 15.22 -10.25 9.68
CA ARG A 320 14.76 -9.59 10.92
C ARG A 320 14.78 -10.58 12.08
N ILE A 321 14.75 -10.00 13.27
CA ILE A 321 14.86 -10.70 14.57
C ILE A 321 13.66 -11.63 14.71
N ASN A 322 13.91 -12.89 15.08
CA ASN A 322 12.88 -13.95 15.24
C ASN A 322 11.81 -13.44 16.21
N GLU A 323 10.53 -13.66 15.90
CA GLU A 323 9.42 -13.21 16.77
C GLU A 323 8.65 -14.44 17.17
N GLY A 324 7.87 -14.38 18.25
CA GLY A 324 6.93 -15.45 18.63
C GLY A 324 5.67 -15.45 17.78
N LEU A 325 4.90 -16.54 17.84
CA LEU A 325 3.79 -16.80 16.90
C LEU A 325 2.56 -17.21 17.69
N ALA A 326 2.61 -17.00 19.02
CA ALA A 326 1.54 -17.44 19.96
C ALA A 326 1.03 -16.26 20.81
N GLY A 327 -0.26 -15.95 20.67
CA GLY A 327 -1.02 -15.07 21.57
C GLY A 327 -0.39 -13.69 21.68
N GLY A 328 -0.14 -13.25 22.92
CA GLY A 328 0.58 -11.99 23.21
C GLY A 328 2.05 -12.06 22.82
N THR A 329 2.58 -13.23 22.49
CA THR A 329 3.99 -13.35 22.01
C THR A 329 4.06 -13.26 20.48
N GLU A 330 2.90 -13.21 19.81
CA GLU A 330 2.84 -12.99 18.34
C GLU A 330 3.36 -11.57 18.05
N GLY A 331 4.53 -11.49 17.41
CA GLY A 331 5.09 -10.24 16.87
C GLY A 331 5.81 -9.44 17.92
N ILE A 332 6.36 -10.10 18.94
CA ILE A 332 7.42 -9.56 19.83
C ILE A 332 8.69 -10.40 19.60
N PHE A 333 9.84 -9.75 19.64
CA PHE A 333 11.17 -10.44 19.63
C PHE A 333 11.11 -11.62 20.59
N ASP A 334 11.44 -12.81 20.11
CA ASP A 334 11.48 -14.08 20.89
C ASP A 334 12.84 -14.19 21.56
N PRO A 335 12.92 -14.06 22.91
CA PRO A 335 14.21 -14.02 23.60
C PRO A 335 14.88 -15.41 23.74
N ASN A 336 14.13 -16.50 23.52
CA ASN A 336 14.62 -17.91 23.62
C ASN A 336 15.34 -18.31 22.32
N ASN A 337 15.06 -17.60 21.23
CA ASN A 337 15.54 -17.88 19.85
C ASN A 337 16.13 -16.58 19.30
N ALA A 338 16.98 -15.92 20.09
CA ALA A 338 17.59 -14.61 19.75
C ALA A 338 18.33 -14.72 18.42
N GLY A 339 18.39 -13.61 17.67
CA GLY A 339 19.17 -13.48 16.43
C GLY A 339 18.25 -13.30 15.25
N PHE A 340 18.84 -13.10 14.06
CA PHE A 340 18.13 -12.82 12.78
C PHE A 340 17.82 -14.15 12.09
N TYR A 341 16.71 -14.20 11.38
CA TYR A 341 16.41 -15.15 10.27
C TYR A 341 16.27 -14.34 8.98
N THR A 342 16.24 -15.01 7.84
CA THR A 342 16.03 -14.33 6.54
C THR A 342 14.93 -15.04 5.75
N ALA A 343 13.83 -14.36 5.49
CA ALA A 343 12.76 -14.78 4.56
C ALA A 343 13.13 -14.32 3.16
N THR A 344 12.98 -15.20 2.17
CA THR A 344 13.40 -14.91 0.79
C THR A 344 12.21 -15.09 -0.14
N LEU A 345 11.91 -14.02 -0.87
CA LEU A 345 10.83 -13.96 -1.87
C LEU A 345 11.48 -13.80 -3.24
N ARG A 346 11.34 -14.83 -4.06
CA ARG A 346 11.68 -14.80 -5.51
C ARG A 346 10.37 -14.71 -6.28
N ASP A 347 10.11 -13.54 -6.87
CA ASP A 347 8.89 -13.25 -7.64
C ASP A 347 9.26 -12.98 -9.09
N LEU A 348 8.67 -13.77 -9.98
CA LEU A 348 9.01 -13.90 -11.41
C LEU A 348 7.78 -13.46 -12.22
N THR A 349 7.92 -12.43 -13.05
CA THR A 349 6.77 -11.85 -13.79
C THR A 349 7.13 -11.67 -15.26
N ALA A 350 6.32 -12.25 -16.13
CA ALA A 350 6.42 -12.13 -17.61
C ALA A 350 5.04 -11.80 -18.17
N HIS A 351 4.99 -10.88 -19.13
CA HIS A 351 3.79 -10.15 -19.61
C HIS A 351 3.92 -9.91 -21.11
N GLY A 352 2.88 -10.21 -21.89
CA GLY A 352 2.81 -9.88 -23.32
C GLY A 352 1.51 -9.19 -23.66
N GLU A 353 1.57 -8.09 -24.41
CA GLU A 353 0.39 -7.39 -24.99
C GLU A 353 0.68 -6.92 -26.42
N VAL A 354 -0.36 -6.91 -27.26
CA VAL A 354 -0.41 -6.11 -28.53
C VAL A 354 -1.61 -5.15 -28.45
N ASN A 355 -1.61 -4.14 -29.29
CA ASN A 355 -2.72 -3.16 -29.43
C ASN A 355 -3.02 -2.98 -30.92
N LEU A 356 -4.28 -3.27 -31.31
CA LEU A 356 -4.77 -3.30 -32.71
C LEU A 356 -5.78 -2.18 -32.90
N PRO A 357 -5.44 -1.09 -33.63
CA PRO A 357 -6.46 -0.24 -34.24
C PRO A 357 -7.32 -0.99 -35.26
N LEU A 358 -8.64 -1.08 -35.02
CA LEU A 358 -9.63 -1.75 -35.91
C LEU A 358 -10.56 -0.69 -36.53
N HIS A 359 -10.67 -0.69 -37.87
CA HIS A 359 -11.59 0.20 -38.63
C HIS A 359 -12.74 -0.66 -39.17
N LEU A 360 -13.80 -0.79 -38.37
CA LEU A 360 -15.03 -1.56 -38.70
C LEU A 360 -16.25 -0.64 -38.60
N GLY A 361 -17.45 -1.22 -38.58
CA GLY A 361 -18.73 -0.52 -38.30
C GLY A 361 -18.59 0.44 -37.13
N TYR A 362 -17.98 -0.02 -36.04
CA TYR A 362 -17.60 0.81 -34.85
C TYR A 362 -16.08 0.93 -34.79
N GLU A 363 -15.58 2.17 -34.82
CA GLU A 363 -14.14 2.53 -34.65
C GLU A 363 -13.68 2.15 -33.24
N GLN A 364 -12.57 1.38 -33.11
CA GLN A 364 -12.19 0.66 -31.85
C GLN A 364 -10.68 0.35 -31.84
N THR A 365 -10.13 -0.01 -30.68
CA THR A 365 -8.73 -0.48 -30.51
C THR A 365 -8.69 -1.71 -29.60
N LEU A 366 -8.18 -2.84 -30.12
CA LEU A 366 -8.19 -4.16 -29.43
C LEU A 366 -6.79 -4.44 -28.84
N THR A 367 -6.76 -4.87 -27.56
CA THR A 367 -5.51 -5.21 -26.81
C THR A 367 -5.59 -6.68 -26.37
N LEU A 368 -4.55 -7.46 -26.69
CA LEU A 368 -4.49 -8.93 -26.44
C LEU A 368 -3.26 -9.25 -25.60
N GLY A 369 -3.42 -9.99 -24.49
CA GLY A 369 -2.35 -10.21 -23.49
C GLY A 369 -2.41 -11.57 -22.81
N SER A 370 -1.24 -12.19 -22.61
CA SER A 370 -0.98 -13.20 -21.55
C SER A 370 -0.23 -12.54 -20.39
N GLU A 371 -0.32 -13.14 -19.19
CA GLU A 371 0.59 -12.84 -18.05
C GLU A 371 0.92 -14.13 -17.30
N TRP A 372 2.19 -14.29 -16.92
CA TRP A 372 2.65 -15.40 -16.06
C TRP A 372 3.51 -14.90 -14.90
N THR A 373 3.14 -15.33 -13.69
CA THR A 373 3.83 -14.97 -12.42
C THR A 373 4.12 -16.24 -11.61
N GLU A 374 5.25 -16.24 -10.90
CA GLU A 374 5.61 -17.23 -9.86
C GLU A 374 6.10 -16.47 -8.62
N GLN A 375 5.49 -16.76 -7.47
CA GLN A 375 5.94 -16.32 -6.12
C GLN A 375 6.49 -17.53 -5.37
N LYS A 376 7.81 -17.64 -5.21
CA LYS A 376 8.45 -18.60 -4.28
C LYS A 376 8.78 -17.85 -3.00
N LEU A 377 8.31 -18.36 -1.85
CA LEU A 377 8.58 -17.81 -0.50
C LEU A 377 9.32 -18.86 0.31
N ASP A 378 10.54 -18.53 0.75
CA ASP A 378 11.28 -19.27 1.79
C ASP A 378 11.23 -18.46 3.09
N ASP A 379 10.51 -18.97 4.08
CA ASP A 379 10.33 -18.31 5.40
C ASP A 379 10.64 -19.30 6.51
N PRO A 380 11.85 -19.26 7.13
CA PRO A 380 12.30 -20.33 8.02
C PRO A 380 11.77 -20.24 9.46
N SER A 381 10.84 -19.31 9.72
CA SER A 381 10.49 -18.82 11.08
C SER A 381 8.97 -18.94 11.32
N SER A 382 8.18 -18.54 10.33
CA SER A 382 6.71 -18.40 10.39
C SER A 382 6.03 -19.77 10.56
N ASN A 383 6.68 -20.85 10.14
CA ASN A 383 6.06 -22.19 10.15
C ASN A 383 6.60 -23.04 11.30
N THR A 384 6.91 -22.45 12.46
CA THR A 384 7.65 -23.16 13.53
C THR A 384 6.83 -23.25 14.80
N GLN A 385 5.66 -22.61 14.87
CA GLN A 385 4.77 -22.75 16.05
C GLN A 385 4.55 -24.25 16.27
N ASN A 386 4.67 -24.71 17.51
CA ASN A 386 4.65 -26.15 17.82
C ASN A 386 3.42 -26.45 18.67
N THR A 387 3.11 -27.73 18.84
CA THR A 387 1.77 -28.23 19.18
C THR A 387 1.82 -28.88 20.56
N GLU A 388 2.84 -28.54 21.36
CA GLU A 388 3.16 -29.24 22.64
C GLU A 388 2.13 -28.82 23.71
N GLU A 389 1.58 -27.62 23.57
CA GLU A 389 0.68 -27.02 24.59
C GLU A 389 -0.80 -27.24 24.21
N GLY A 390 -1.19 -26.88 22.99
CA GLY A 390 -2.59 -26.99 22.52
C GLY A 390 -2.94 -28.38 22.03
N GLY A 391 -1.97 -29.31 22.04
CA GLY A 391 -2.15 -30.67 21.52
C GLY A 391 -1.88 -30.69 20.03
N SER A 392 -1.70 -31.88 19.46
CA SER A 392 -1.21 -32.10 18.06
C SER A 392 -2.39 -32.03 17.07
N ILE A 393 -2.10 -31.72 15.81
CA ILE A 393 -3.13 -31.46 14.77
C ILE A 393 -2.98 -32.46 13.62
N PRO A 394 -3.93 -33.42 13.46
CA PRO A 394 -3.79 -34.46 12.46
C PRO A 394 -3.52 -33.80 11.10
N GLY A 395 -2.41 -34.17 10.46
CA GLY A 395 -1.98 -33.65 9.15
C GLY A 395 -0.93 -32.55 9.27
N LEU A 396 -0.61 -32.10 10.48
CA LEU A 396 0.40 -31.01 10.67
C LEU A 396 1.50 -31.49 11.61
N ALA A 397 2.72 -31.66 11.09
CA ALA A 397 3.91 -32.02 11.89
C ALA A 397 4.21 -30.85 12.84
N GLY A 398 4.51 -31.16 14.10
CA GLY A 398 4.75 -30.15 15.16
C GLY A 398 6.11 -29.46 15.04
N LYS A 399 7.11 -30.11 14.43
CA LYS A 399 8.50 -29.59 14.29
C LYS A 399 9.04 -29.80 12.87
N ASN A 400 9.81 -28.83 12.35
CA ASN A 400 10.57 -28.94 11.07
C ASN A 400 9.59 -29.10 9.91
N ARG A 401 8.46 -28.40 9.95
CA ARG A 401 7.54 -28.21 8.79
C ARG A 401 8.29 -27.46 7.69
N SER A 402 7.91 -27.66 6.44
CA SER A 402 8.55 -27.00 5.27
C SER A 402 8.60 -25.50 5.52
N SER A 403 9.59 -24.81 4.94
CA SER A 403 9.71 -23.32 4.92
C SER A 403 9.05 -22.75 3.67
N SER A 404 8.64 -23.62 2.75
CA SER A 404 8.46 -23.29 1.32
C SER A 404 6.98 -23.09 0.99
N SER A 405 6.68 -22.02 0.24
CA SER A 405 5.37 -21.71 -0.38
C SER A 405 5.64 -21.25 -1.81
N SER A 406 4.69 -21.49 -2.70
CA SER A 406 4.71 -20.97 -4.09
C SER A 406 3.27 -20.85 -4.60
N ALA A 407 3.03 -19.96 -5.55
CA ALA A 407 1.83 -20.02 -6.40
C ALA A 407 2.20 -19.48 -7.77
N ARG A 408 1.73 -20.13 -8.81
CA ARG A 408 1.78 -19.61 -10.20
C ARG A 408 0.36 -19.22 -10.62
N ILE A 409 0.18 -18.00 -11.13
CA ILE A 409 -1.04 -17.59 -11.88
C ILE A 409 -0.68 -17.47 -13.36
N PHE A 410 -1.39 -18.18 -14.24
CA PHE A 410 -1.41 -17.88 -15.70
C PHE A 410 -2.69 -17.13 -16.05
N SER A 411 -2.54 -16.13 -16.92
CA SER A 411 -3.55 -15.07 -17.22
C SER A 411 -3.59 -14.83 -18.73
N LEU A 412 -4.81 -14.81 -19.29
CA LEU A 412 -5.11 -14.22 -20.61
C LEU A 412 -6.13 -13.09 -20.43
N PHE A 413 -6.04 -12.06 -21.26
CA PHE A 413 -6.95 -10.88 -21.25
C PHE A 413 -6.98 -10.24 -22.65
N ALA A 414 -8.14 -9.65 -22.99
CA ALA A 414 -8.32 -8.75 -24.15
C ALA A 414 -9.20 -7.56 -23.74
N GLU A 415 -8.73 -6.35 -24.05
CA GLU A 415 -9.49 -5.09 -23.87
C GLU A 415 -9.93 -4.59 -25.24
N ASP A 416 -11.21 -4.29 -25.40
CA ASP A 416 -11.69 -3.58 -26.61
C ASP A 416 -12.18 -2.19 -26.24
N ASN A 417 -11.50 -1.20 -26.80
CA ASN A 417 -11.63 0.24 -26.51
C ASN A 417 -12.42 0.90 -27.65
N ILE A 418 -13.74 0.83 -27.58
CA ILE A 418 -14.66 1.07 -28.74
C ILE A 418 -15.17 2.52 -28.69
N GLU A 419 -14.90 3.28 -29.77
CA GLU A 419 -15.45 4.63 -30.06
C GLU A 419 -16.78 4.48 -30.82
N LEU A 420 -17.91 4.43 -30.10
CA LEU A 420 -19.27 4.31 -30.68
C LEU A 420 -19.53 5.54 -31.57
N MET A 421 -19.62 6.71 -30.95
CA MET A 421 -19.62 8.05 -31.59
C MET A 421 -18.61 8.94 -30.87
N PRO A 422 -17.85 9.80 -31.60
CA PRO A 422 -16.74 10.55 -31.01
C PRO A 422 -17.04 11.13 -29.62
N GLY A 423 -16.13 10.92 -28.66
CA GLY A 423 -16.24 11.43 -27.28
C GLY A 423 -16.91 10.43 -26.35
N THR A 424 -17.61 9.43 -26.91
CA THR A 424 -18.09 8.20 -26.21
C THR A 424 -17.08 7.06 -26.46
N MET A 425 -16.59 6.42 -25.38
CA MET A 425 -15.80 5.15 -25.42
C MET A 425 -16.53 4.07 -24.62
N LEU A 426 -16.72 2.90 -25.21
CA LEU A 426 -17.13 1.68 -24.45
C LEU A 426 -15.99 0.68 -24.50
N THR A 427 -15.54 0.24 -23.32
CA THR A 427 -14.34 -0.62 -23.13
C THR A 427 -14.75 -1.87 -22.37
N PRO A 428 -15.16 -2.96 -23.08
CA PRO A 428 -15.26 -4.29 -22.50
C PRO A 428 -13.92 -5.04 -22.53
N GLY A 429 -13.64 -5.78 -21.45
CA GLY A 429 -12.48 -6.68 -21.35
C GLY A 429 -12.81 -7.92 -20.55
N LEU A 430 -12.21 -9.05 -20.93
CA LEU A 430 -12.24 -10.32 -20.17
C LEU A 430 -10.82 -10.57 -19.67
N ARG A 431 -10.66 -10.77 -18.36
CA ARG A 431 -9.45 -11.40 -17.77
C ARG A 431 -9.83 -12.79 -17.24
N TRP A 432 -9.07 -13.80 -17.67
CA TRP A 432 -9.09 -15.18 -17.11
C TRP A 432 -7.74 -15.47 -16.48
N ASP A 433 -7.75 -16.03 -15.28
CA ASP A 433 -6.54 -16.43 -14.52
C ASP A 433 -6.68 -17.89 -14.09
N HIS A 434 -5.65 -18.70 -14.31
CA HIS A 434 -5.46 -20.04 -13.67
C HIS A 434 -4.43 -19.91 -12.55
N HIS A 435 -4.92 -19.93 -11.31
CA HIS A 435 -4.12 -20.13 -10.06
C HIS A 435 -3.93 -21.63 -9.87
N ASP A 436 -2.68 -22.06 -9.71
CA ASP A 436 -2.29 -23.49 -9.70
C ASP A 436 -2.65 -24.12 -8.35
N ILE A 437 -3.34 -23.41 -7.47
CA ILE A 437 -3.94 -24.06 -6.26
C ILE A 437 -5.43 -23.72 -6.24
N VAL A 438 -5.76 -22.43 -6.27
CA VAL A 438 -7.13 -21.95 -5.95
C VAL A 438 -8.06 -22.30 -7.11
N GLY A 439 -7.52 -22.35 -8.33
CA GLY A 439 -8.27 -22.74 -9.54
C GLY A 439 -8.46 -21.57 -10.49
N ASP A 440 -9.59 -21.56 -11.18
CA ASP A 440 -9.87 -20.63 -12.32
C ASP A 440 -10.61 -19.42 -11.77
N ASN A 441 -10.23 -18.23 -12.22
CA ASN A 441 -10.99 -16.97 -12.02
C ASN A 441 -11.36 -16.35 -13.37
N TRP A 442 -12.63 -15.92 -13.50
CA TRP A 442 -13.16 -15.09 -14.61
C TRP A 442 -13.52 -13.68 -14.09
N SER A 443 -12.69 -12.68 -14.44
CA SER A 443 -12.84 -11.23 -14.08
C SER A 443 -13.24 -10.44 -15.33
N PRO A 444 -14.54 -10.34 -15.66
CA PRO A 444 -15.04 -9.47 -16.73
C PRO A 444 -15.03 -8.01 -16.29
N SER A 445 -15.06 -7.07 -17.25
CA SER A 445 -15.14 -5.61 -17.00
C SER A 445 -15.89 -4.91 -18.15
N LEU A 446 -16.48 -3.75 -17.84
CA LEU A 446 -17.07 -2.78 -18.81
C LEU A 446 -16.88 -1.36 -18.26
N ASN A 447 -16.25 -0.50 -19.06
CA ASN A 447 -16.03 0.93 -18.73
C ASN A 447 -16.57 1.82 -19.86
N LEU A 448 -17.59 2.62 -19.52
CA LEU A 448 -18.26 3.62 -20.39
C LEU A 448 -17.85 5.03 -19.95
N SER A 449 -17.45 5.87 -20.91
CA SER A 449 -17.31 7.34 -20.75
C SER A 449 -18.08 8.05 -21.88
N HIS A 450 -18.93 9.02 -21.52
CA HIS A 450 -20.01 9.62 -22.35
C HIS A 450 -19.92 11.15 -22.31
N ALA A 451 -19.55 11.78 -23.44
CA ALA A 451 -19.70 13.24 -23.65
C ALA A 451 -21.19 13.55 -23.72
N LEU A 452 -21.73 14.14 -22.64
CA LEU A 452 -23.11 14.70 -22.62
C LEU A 452 -23.03 16.10 -23.23
N THR A 453 -21.94 16.81 -22.95
CA THR A 453 -21.56 18.09 -23.58
C THR A 453 -20.06 18.05 -23.79
N GLU A 454 -19.54 18.95 -24.63
CA GLU A 454 -18.08 19.19 -24.80
C GLU A 454 -17.42 19.57 -23.48
N ARG A 455 -18.20 19.83 -22.44
CA ARG A 455 -17.70 20.33 -21.13
C ARG A 455 -17.96 19.29 -20.04
N VAL A 456 -18.91 18.39 -20.32
CA VAL A 456 -19.42 17.42 -19.32
C VAL A 456 -19.22 16.02 -19.88
N THR A 457 -18.81 15.10 -19.01
CA THR A 457 -18.53 13.68 -19.30
C THR A 457 -19.12 12.84 -18.16
N LEU A 458 -19.99 11.90 -18.50
CA LEU A 458 -20.50 10.86 -17.57
C LEU A 458 -19.62 9.60 -17.70
N LYS A 459 -19.27 8.98 -16.59
CA LYS A 459 -18.51 7.71 -16.57
C LYS A 459 -19.23 6.71 -15.67
N ALA A 460 -19.49 5.51 -16.22
CA ALA A 460 -20.00 4.33 -15.49
C ALA A 460 -19.04 3.15 -15.71
N GLY A 461 -18.82 2.35 -14.66
CA GLY A 461 -17.96 1.16 -14.70
C GLY A 461 -18.49 0.09 -13.75
N ILE A 462 -18.56 -1.15 -14.22
CA ILE A 462 -18.84 -2.34 -13.36
C ILE A 462 -17.89 -3.46 -13.80
N ALA A 463 -16.98 -3.85 -12.89
CA ALA A 463 -16.03 -4.97 -13.10
C ALA A 463 -16.03 -5.88 -11.88
N ARG A 464 -15.60 -7.14 -12.06
CA ARG A 464 -15.36 -8.12 -10.96
C ARG A 464 -13.85 -8.32 -10.84
N ALA A 465 -13.22 -7.73 -9.82
CA ALA A 465 -11.76 -7.73 -9.63
C ALA A 465 -11.40 -9.00 -8.87
N TYR A 466 -10.11 -9.27 -8.75
CA TYR A 466 -9.57 -10.62 -8.42
C TYR A 466 -8.53 -10.49 -7.31
N LYS A 467 -8.62 -11.35 -6.29
CA LYS A 467 -7.62 -11.42 -5.17
C LYS A 467 -7.25 -12.87 -4.87
N ALA A 468 -6.04 -13.29 -5.29
CA ALA A 468 -5.46 -14.60 -4.92
C ALA A 468 -5.08 -14.55 -3.45
N PRO A 469 -5.41 -15.59 -2.65
CA PRO A 469 -4.95 -15.67 -1.26
C PRO A 469 -3.42 -15.51 -1.22
N ASN A 470 -2.87 -14.85 -0.20
CA ASN A 470 -1.39 -14.75 -0.06
C ASN A 470 -0.88 -16.09 0.48
N LEU A 471 0.42 -16.34 0.35
CA LEU A 471 1.05 -17.66 0.61
C LEU A 471 0.99 -18.02 2.10
N TYR A 472 0.69 -17.05 2.97
CA TYR A 472 0.48 -17.33 4.42
C TYR A 472 -0.92 -17.92 4.63
N GLN A 473 -1.94 -17.25 4.09
CA GLN A 473 -3.35 -17.69 4.22
C GLN A 473 -3.50 -19.09 3.68
N LEU A 474 -2.72 -19.43 2.64
CA LEU A 474 -2.92 -20.61 1.76
C LEU A 474 -2.27 -21.86 2.37
N ASN A 475 -1.37 -21.68 3.34
CA ASN A 475 -0.34 -22.71 3.72
C ASN A 475 -0.77 -23.47 4.96
N PRO A 476 -1.15 -24.76 4.85
CA PRO A 476 -1.51 -25.54 6.03
C PRO A 476 -0.36 -25.78 7.02
N ASP A 477 0.85 -25.33 6.71
CA ASP A 477 2.00 -25.42 7.66
C ASP A 477 2.05 -24.14 8.53
N TYR A 478 1.36 -23.07 8.11
CA TYR A 478 1.37 -21.76 8.80
C TYR A 478 0.35 -21.75 9.92
N LEU A 479 0.83 -21.55 11.15
CA LEU A 479 0.13 -21.97 12.39
C LEU A 479 0.38 -20.93 13.48
N LEU A 480 -0.68 -20.28 13.93
CA LEU A 480 -0.67 -19.38 15.09
C LEU A 480 -1.43 -20.05 16.23
N TYR A 481 -1.12 -19.68 17.48
CA TYR A 481 -1.74 -20.26 18.69
C TYR A 481 -2.08 -19.13 19.68
N SER A 482 -3.21 -19.27 20.35
CA SER A 482 -3.62 -18.44 21.50
C SER A 482 -4.18 -19.36 22.58
N ARG A 483 -3.99 -18.99 23.84
CA ARG A 483 -4.55 -19.70 25.01
C ARG A 483 -6.02 -19.31 25.21
N GLY A 484 -6.53 -18.37 24.41
CA GLY A 484 -7.96 -18.00 24.47
C GLY A 484 -8.20 -16.60 24.01
N GLN A 485 -7.38 -15.64 24.48
CA GLN A 485 -7.65 -14.17 24.39
C GLN A 485 -7.99 -13.78 22.95
N GLY A 486 -7.46 -14.53 21.98
CA GLY A 486 -7.55 -14.25 20.54
C GLY A 486 -8.46 -15.21 19.78
N CYS A 487 -9.27 -15.99 20.49
CA CYS A 487 -10.13 -17.06 19.91
C CYS A 487 -11.58 -16.56 19.77
N TYR A 488 -12.14 -16.67 18.58
CA TYR A 488 -13.50 -16.15 18.29
C TYR A 488 -14.55 -17.08 18.94
N GLY A 489 -15.36 -16.53 19.85
CA GLY A 489 -16.58 -17.17 20.38
C GLY A 489 -16.29 -18.17 21.48
N GLN A 490 -15.21 -17.94 22.26
CA GLN A 490 -14.75 -18.85 23.35
C GLN A 490 -13.48 -18.29 24.01
N SER A 491 -13.09 -18.84 25.17
CA SER A 491 -11.90 -18.41 25.95
C SER A 491 -10.83 -19.52 25.97
N THR A 492 -11.15 -20.71 25.45
CA THR A 492 -10.20 -21.86 25.41
C THR A 492 -9.05 -21.55 24.46
N SER A 493 -7.93 -22.26 24.61
CA SER A 493 -6.83 -22.33 23.64
C SER A 493 -7.42 -22.60 22.25
N CYS A 494 -6.78 -22.05 21.22
CA CYS A 494 -7.13 -22.30 19.82
C CYS A 494 -5.93 -22.06 18.92
N TYR A 495 -5.86 -22.82 17.83
CA TYR A 495 -4.92 -22.67 16.71
C TYR A 495 -5.64 -21.96 15.54
N LEU A 496 -4.91 -21.13 14.81
CA LEU A 496 -5.30 -20.70 13.45
C LEU A 496 -4.35 -21.32 12.44
N ARG A 497 -4.91 -21.79 11.34
CA ARG A 497 -4.18 -22.60 10.34
C ARG A 497 -4.45 -22.08 8.93
N GLY A 498 -3.43 -22.15 8.08
CA GLY A 498 -3.56 -21.95 6.63
C GLY A 498 -4.43 -23.00 5.97
N ASN A 499 -4.99 -22.67 4.82
CA ASN A 499 -6.13 -23.39 4.20
C ASN A 499 -6.00 -23.29 2.68
N ASP A 500 -5.49 -24.36 2.05
CA ASP A 500 -5.21 -24.40 0.59
C ASP A 500 -6.53 -24.67 -0.15
N GLY A 501 -7.64 -24.75 0.61
CA GLY A 501 -8.99 -24.97 0.05
C GLY A 501 -9.69 -23.66 -0.24
N LEU A 502 -9.04 -22.54 0.10
CA LEU A 502 -9.63 -21.17 0.07
C LEU A 502 -10.11 -20.87 -1.37
N LYS A 503 -11.18 -20.09 -1.49
CA LYS A 503 -11.52 -19.38 -2.76
C LYS A 503 -10.79 -18.03 -2.77
N ALA A 504 -10.47 -17.55 -3.98
CA ALA A 504 -10.00 -16.16 -4.20
C ALA A 504 -11.08 -15.19 -3.75
N GLU A 505 -10.67 -14.00 -3.28
CA GLU A 505 -11.59 -12.85 -3.03
C GLU A 505 -11.90 -12.19 -4.38
N THR A 506 -13.18 -11.99 -4.64
CA THR A 506 -13.71 -11.31 -5.83
C THR A 506 -14.55 -10.15 -5.31
N SER A 507 -14.54 -9.03 -6.05
CA SER A 507 -15.28 -7.78 -5.73
C SER A 507 -15.86 -7.20 -7.02
N VAL A 508 -17.17 -7.03 -7.06
CA VAL A 508 -17.88 -6.32 -8.16
C VAL A 508 -17.84 -4.81 -7.87
N ASN A 509 -16.76 -4.16 -8.29
CA ASN A 509 -16.55 -2.70 -8.15
C ASN A 509 -17.45 -1.95 -9.15
N LYS A 510 -18.55 -1.35 -8.66
CA LYS A 510 -19.43 -0.41 -9.42
C LYS A 510 -18.93 1.02 -9.17
N GLU A 511 -19.01 1.90 -10.19
CA GLU A 511 -18.82 3.37 -10.05
C GLU A 511 -19.67 4.11 -11.10
N LEU A 512 -20.40 5.14 -10.65
CA LEU A 512 -21.11 6.13 -11.51
C LEU A 512 -20.59 7.53 -11.15
N GLY A 513 -20.08 8.28 -12.13
CA GLY A 513 -19.43 9.58 -11.91
C GLY A 513 -19.77 10.58 -13.00
N ILE A 514 -19.68 11.88 -12.68
CA ILE A 514 -19.86 13.02 -13.64
C ILE A 514 -18.76 14.07 -13.42
N GLU A 515 -18.28 14.68 -14.51
CA GLU A 515 -17.20 15.69 -14.44
C GLU A 515 -17.44 16.79 -15.49
N TYR A 516 -17.52 18.04 -15.05
CA TYR A 516 -17.42 19.26 -15.88
C TYR A 516 -15.95 19.70 -15.90
N SER A 517 -15.40 19.91 -17.10
CA SER A 517 -13.98 20.28 -17.27
C SER A 517 -13.81 21.23 -18.47
N HIS A 518 -13.47 22.48 -18.19
CA HIS A 518 -13.39 23.55 -19.21
C HIS A 518 -12.50 24.69 -18.73
N ASP A 519 -11.50 25.05 -19.55
CA ASP A 519 -10.53 26.15 -19.30
C ASP A 519 -10.03 26.04 -17.86
N GLY A 520 -9.55 24.86 -17.49
CA GLY A 520 -8.95 24.57 -16.16
C GLY A 520 -9.94 24.73 -15.02
N LEU A 521 -11.22 24.96 -15.33
CA LEU A 521 -12.34 24.71 -14.38
C LEU A 521 -12.66 23.23 -14.41
N VAL A 522 -12.46 22.54 -13.29
CA VAL A 522 -12.82 21.10 -13.14
C VAL A 522 -13.68 20.93 -11.90
N ALA A 523 -14.86 20.30 -12.05
CA ALA A 523 -15.80 19.91 -10.97
C ALA A 523 -16.35 18.53 -11.27
N GLY A 524 -16.06 17.55 -10.42
CA GLY A 524 -16.51 16.16 -10.57
C GLY A 524 -16.88 15.53 -9.24
N LEU A 525 -17.79 14.56 -9.29
CA LEU A 525 -18.22 13.75 -8.14
C LEU A 525 -18.51 12.33 -8.62
N THR A 526 -17.88 11.33 -8.00
CA THR A 526 -18.09 9.89 -8.29
C THR A 526 -18.63 9.19 -7.04
N TYR A 527 -19.68 8.39 -7.23
CA TYR A 527 -20.14 7.34 -6.30
C TYR A 527 -19.55 6.00 -6.71
N PHE A 528 -19.00 5.26 -5.74
CA PHE A 528 -18.38 3.92 -5.94
C PHE A 528 -18.95 2.97 -4.90
N ARG A 529 -19.31 1.75 -5.33
CA ARG A 529 -19.69 0.64 -4.42
C ARG A 529 -18.98 -0.63 -4.90
N ASN A 530 -18.16 -1.21 -4.02
CA ASN A 530 -17.49 -2.52 -4.25
C ASN A 530 -18.21 -3.57 -3.39
N ASP A 531 -18.90 -4.53 -4.04
CA ASP A 531 -19.51 -5.69 -3.36
C ASP A 531 -18.46 -6.79 -3.29
N TYR A 532 -18.09 -7.17 -2.06
CA TYR A 532 -16.83 -7.87 -1.70
C TYR A 532 -17.15 -9.31 -1.25
N LYS A 533 -16.83 -10.30 -2.09
CA LYS A 533 -17.24 -11.73 -1.91
C LYS A 533 -16.00 -12.56 -1.54
N ASN A 534 -16.09 -13.29 -0.43
CA ASN A 534 -15.09 -14.30 -0.02
C ASN A 534 -13.84 -13.61 0.53
N LYS A 535 -13.96 -12.38 1.04
CA LYS A 535 -12.84 -11.73 1.77
C LYS A 535 -12.26 -12.74 2.78
N ILE A 536 -10.95 -13.02 2.66
CA ILE A 536 -10.20 -14.02 3.49
C ILE A 536 -9.77 -13.35 4.79
N GLU A 537 -9.89 -14.08 5.90
CA GLU A 537 -9.92 -13.50 7.28
C GLU A 537 -9.86 -14.65 8.30
N SER A 538 -9.29 -14.42 9.48
CA SER A 538 -9.18 -15.50 10.50
C SER A 538 -10.59 -15.99 10.86
N GLY A 539 -10.81 -17.29 10.88
CA GLY A 539 -12.15 -17.92 10.94
C GLY A 539 -12.87 -17.61 12.24
N LEU A 540 -14.16 -17.93 12.29
CA LEU A 540 -15.06 -17.59 13.43
C LEU A 540 -15.53 -18.87 14.16
N SER A 541 -15.62 -19.99 13.44
CA SER A 541 -16.01 -21.33 13.97
C SER A 541 -14.82 -22.27 13.97
N PRO A 542 -14.57 -23.03 15.06
CA PRO A 542 -13.63 -24.14 15.01
C PRO A 542 -14.10 -25.16 13.97
N VAL A 543 -13.21 -25.61 13.08
CA VAL A 543 -13.49 -26.71 12.12
C VAL A 543 -13.20 -28.05 12.80
N ASP A 544 -12.39 -28.04 13.86
CA ASP A 544 -11.78 -29.26 14.45
C ASP A 544 -11.33 -28.96 15.89
N HIS A 545 -10.73 -29.95 16.55
CA HIS A 545 -10.02 -29.80 17.84
C HIS A 545 -8.76 -30.67 17.82
N ALA A 546 -7.61 -30.10 18.18
CA ALA A 546 -6.35 -30.88 18.35
C ALA A 546 -6.54 -31.87 19.50
N SER A 547 -5.55 -32.73 19.72
CA SER A 547 -5.55 -33.75 20.80
C SER A 547 -4.27 -33.66 21.61
N GLY A 548 -4.38 -33.64 22.94
CA GLY A 548 -3.25 -33.70 23.88
C GLY A 548 -2.82 -32.31 24.28
N GLY A 549 -1.60 -32.16 24.77
CA GLY A 549 -1.07 -30.88 25.26
C GLY A 549 -1.19 -30.79 26.77
N LYS A 550 -1.11 -29.58 27.32
CA LYS A 550 -0.80 -29.29 28.75
C LYS A 550 -2.03 -28.65 29.42
N GLY A 551 -2.54 -29.26 30.49
CA GLY A 551 -3.49 -28.66 31.45
C GLY A 551 -4.74 -28.15 30.76
N ASP A 552 -5.15 -26.92 31.08
CA ASP A 552 -6.45 -26.33 30.67
C ASP A 552 -6.38 -25.91 29.19
N TYR A 553 -5.17 -25.89 28.60
CA TYR A 553 -4.86 -25.51 27.20
C TYR A 553 -4.98 -26.72 26.25
N ALA A 554 -5.01 -27.94 26.81
CA ALA A 554 -5.05 -29.20 26.03
C ALA A 554 -6.24 -29.20 25.06
N ASN A 555 -6.12 -29.94 23.96
CA ASN A 555 -7.20 -30.25 22.99
C ASN A 555 -7.79 -28.94 22.45
N ALA A 556 -6.92 -27.98 22.14
CA ALA A 556 -7.29 -26.63 21.64
C ALA A 556 -8.19 -26.74 20.40
N ALA A 557 -9.03 -25.73 20.19
CA ALA A 557 -9.86 -25.60 18.97
C ALA A 557 -8.96 -25.25 17.79
N ILE A 558 -9.32 -25.73 16.59
CA ILE A 558 -8.65 -25.43 15.29
C ILE A 558 -9.58 -24.55 14.45
N TYR A 559 -9.14 -23.33 14.15
CA TYR A 559 -9.76 -22.44 13.15
C TYR A 559 -8.85 -22.38 11.92
N GLN A 560 -9.41 -22.09 10.75
CA GLN A 560 -8.63 -21.80 9.52
C GLN A 560 -8.83 -20.34 9.11
N TRP A 561 -8.08 -19.93 8.09
CA TRP A 561 -8.41 -18.76 7.26
C TRP A 561 -9.64 -19.10 6.41
N GLU A 562 -10.75 -18.40 6.68
CA GLU A 562 -12.06 -18.60 6.00
C GLU A 562 -12.25 -17.52 4.94
N ASN A 563 -13.11 -17.80 3.96
CA ASN A 563 -13.72 -16.81 3.04
C ASN A 563 -15.00 -16.26 3.68
N VAL A 564 -15.03 -14.96 4.00
CA VAL A 564 -16.27 -14.24 4.45
C VAL A 564 -17.20 -14.10 3.24
N PRO A 565 -18.45 -14.61 3.31
CA PRO A 565 -19.33 -14.65 2.13
C PRO A 565 -19.55 -13.27 1.48
N LYS A 566 -19.91 -12.26 2.28
CA LYS A 566 -20.24 -10.89 1.77
C LYS A 566 -19.61 -9.81 2.66
N ALA A 567 -19.01 -8.79 2.03
CA ALA A 567 -18.71 -7.47 2.62
C ALA A 567 -18.92 -6.36 1.56
N VAL A 568 -19.07 -5.11 2.02
CA VAL A 568 -19.42 -3.93 1.16
C VAL A 568 -18.55 -2.74 1.58
N VAL A 569 -17.95 -2.07 0.60
CA VAL A 569 -17.48 -0.66 0.74
C VAL A 569 -18.19 0.22 -0.28
N GLU A 570 -18.27 1.50 0.05
CA GLU A 570 -19.21 2.47 -0.55
C GLU A 570 -18.74 3.86 -0.15
N GLY A 571 -18.76 4.81 -1.08
CA GLY A 571 -18.36 6.20 -0.78
C GLY A 571 -18.33 7.08 -2.00
N LEU A 572 -17.73 8.26 -1.86
CA LEU A 572 -17.77 9.37 -2.83
C LEU A 572 -16.36 9.86 -3.05
N GLU A 573 -15.99 10.08 -4.32
CA GLU A 573 -14.77 10.82 -4.71
C GLU A 573 -15.22 12.10 -5.38
N GLY A 574 -14.67 13.23 -4.93
CA GLY A 574 -14.94 14.56 -5.50
C GLY A 574 -13.67 15.29 -5.82
N THR A 575 -13.72 16.16 -6.82
CA THR A 575 -12.61 17.10 -7.12
C THR A 575 -13.24 18.40 -7.61
N LEU A 576 -12.67 19.55 -7.25
CA LEU A 576 -13.10 20.89 -7.74
C LEU A 576 -11.87 21.79 -7.92
N THR A 577 -11.61 22.25 -9.14
CA THR A 577 -10.45 23.11 -9.45
C THR A 577 -10.94 24.41 -10.11
N LEU A 578 -10.66 25.54 -9.46
CA LEU A 578 -11.08 26.89 -9.91
C LEU A 578 -9.82 27.73 -10.13
N PRO A 579 -9.66 28.32 -11.34
CA PRO A 579 -8.69 29.37 -11.59
C PRO A 579 -9.11 30.73 -11.03
N LEU A 580 -8.66 31.07 -9.83
CA LEU A 580 -9.06 32.32 -9.14
C LEU A 580 -8.66 33.52 -10.02
N ALA A 581 -7.40 33.56 -10.45
CA ALA A 581 -6.86 34.48 -11.47
C ALA A 581 -5.82 33.72 -12.31
N ASP A 582 -5.12 34.39 -13.22
CA ASP A 582 -4.20 33.71 -14.15
C ASP A 582 -3.08 33.06 -13.35
N GLY A 583 -2.59 33.74 -12.32
CA GLY A 583 -1.45 33.29 -11.51
C GLY A 583 -1.85 32.31 -10.41
N LEU A 584 -3.14 32.09 -10.20
CA LEU A 584 -3.67 31.50 -8.94
C LEU A 584 -4.61 30.35 -9.26
N LYS A 585 -4.36 29.18 -8.66
CA LYS A 585 -5.16 27.94 -8.88
C LYS A 585 -5.58 27.35 -7.52
N TRP A 586 -6.89 27.15 -7.35
CA TRP A 586 -7.47 26.55 -6.12
C TRP A 586 -7.99 25.16 -6.44
N SER A 587 -7.35 24.14 -5.86
CA SER A 587 -7.59 22.69 -6.10
C SER A 587 -8.19 22.05 -4.84
N ASN A 588 -9.06 21.08 -5.02
CA ASN A 588 -9.63 20.29 -3.90
C ASN A 588 -9.84 18.87 -4.38
N ASN A 589 -9.45 17.89 -3.56
CA ASN A 589 -9.82 16.46 -3.71
C ASN A 589 -10.59 16.01 -2.47
N LEU A 590 -11.70 15.30 -2.67
CA LEU A 590 -12.58 14.76 -1.58
C LEU A 590 -12.64 13.22 -1.65
N THR A 591 -12.38 12.57 -0.52
CA THR A 591 -12.89 11.21 -0.20
C THR A 591 -13.99 11.32 0.86
N TYR A 592 -15.15 10.71 0.65
CA TYR A 592 -16.17 10.47 1.72
C TYR A 592 -16.54 8.99 1.76
N MET A 593 -16.20 8.32 2.86
CA MET A 593 -16.42 6.86 3.05
C MET A 593 -17.78 6.61 3.72
N LEU A 594 -18.77 6.18 2.93
CA LEU A 594 -20.18 5.98 3.38
C LEU A 594 -20.24 4.76 4.30
N GLN A 595 -19.70 3.63 3.83
CA GLN A 595 -19.88 2.29 4.44
C GLN A 595 -18.63 1.43 4.24
N SER A 596 -18.32 0.60 5.23
CA SER A 596 -17.23 -0.41 5.22
C SER A 596 -17.57 -1.55 6.17
N LYS A 597 -18.18 -2.64 5.68
CA LYS A 597 -18.91 -3.60 6.54
C LYS A 597 -18.63 -5.04 6.11
N ASN A 598 -17.97 -5.81 7.00
CA ASN A 598 -18.01 -7.29 7.03
C ASN A 598 -19.44 -7.73 7.37
N LYS A 599 -20.19 -8.22 6.37
CA LYS A 599 -21.66 -8.44 6.45
C LYS A 599 -21.95 -9.67 7.33
N GLU A 600 -20.93 -10.46 7.64
CA GLU A 600 -21.03 -11.62 8.57
C GLU A 600 -21.08 -11.11 10.02
N THR A 601 -20.05 -10.38 10.46
CA THR A 601 -19.89 -9.91 11.87
C THR A 601 -20.53 -8.53 12.05
N GLY A 602 -20.62 -7.75 10.97
CA GLY A 602 -21.13 -6.36 10.97
C GLY A 602 -20.08 -5.37 11.44
N ASP A 603 -18.86 -5.82 11.72
CA ASP A 603 -17.74 -4.92 12.11
C ASP A 603 -17.16 -4.30 10.83
N VAL A 604 -16.38 -3.24 10.98
CA VAL A 604 -15.71 -2.53 9.85
C VAL A 604 -14.58 -3.40 9.30
N LEU A 605 -14.21 -3.19 8.03
CA LEU A 605 -13.04 -3.84 7.36
C LEU A 605 -11.75 -3.13 7.81
N SER A 606 -11.66 -1.82 7.61
CA SER A 606 -10.51 -0.99 8.04
C SER A 606 -11.02 0.11 8.98
N VAL A 607 -10.14 0.98 9.46
CA VAL A 607 -10.55 2.30 10.01
C VAL A 607 -10.05 3.41 9.07
N THR A 608 -10.95 4.04 8.30
CA THR A 608 -10.66 5.29 7.56
C THR A 608 -11.30 6.49 8.24
N PRO A 609 -10.82 7.70 7.94
CA PRO A 609 -11.54 8.93 8.26
C PRO A 609 -12.85 8.97 7.47
N ARG A 610 -13.93 9.43 8.09
CA ARG A 610 -15.26 9.48 7.44
C ARG A 610 -15.11 10.23 6.10
N TYR A 611 -14.35 11.31 6.11
CA TYR A 611 -13.99 12.08 4.88
C TYR A 611 -12.54 12.55 4.99
N THR A 612 -12.04 12.99 3.84
CA THR A 612 -10.75 13.66 3.65
C THR A 612 -10.90 14.70 2.54
N LEU A 613 -10.66 15.97 2.86
CA LEU A 613 -10.59 17.09 1.90
C LEU A 613 -9.16 17.61 1.88
N ASN A 614 -8.47 17.49 0.74
CA ASN A 614 -7.15 18.12 0.52
C ASN A 614 -7.33 19.35 -0.35
N SER A 615 -6.82 20.48 0.10
CA SER A 615 -7.06 21.81 -0.50
C SER A 615 -5.72 22.53 -0.71
N MET A 616 -5.33 22.75 -1.98
CA MET A 616 -4.13 23.54 -2.33
C MET A 616 -4.55 24.88 -2.98
N LEU A 617 -3.99 25.99 -2.51
CA LEU A 617 -3.87 27.26 -3.26
C LEU A 617 -2.47 27.31 -3.88
N ASP A 618 -2.38 27.41 -5.20
CA ASP A 618 -1.09 27.55 -5.93
C ASP A 618 -1.03 28.95 -6.56
N TRP A 619 -0.17 29.81 -6.02
CA TRP A 619 0.15 31.16 -6.55
C TRP A 619 1.48 31.12 -7.30
N GLN A 620 1.47 31.40 -8.61
CA GLN A 620 2.68 31.64 -9.43
C GLN A 620 3.09 33.12 -9.27
N ALA A 621 3.44 33.54 -8.04
CA ALA A 621 3.73 34.94 -7.66
C ALA A 621 4.57 35.66 -8.74
N THR A 622 5.65 35.03 -9.25
CA THR A 622 6.49 35.61 -10.33
C THR A 622 6.83 34.53 -11.36
N ASP A 623 7.45 34.93 -12.47
CA ASP A 623 8.00 33.98 -13.47
C ASP A 623 8.87 32.94 -12.74
N ASP A 624 9.43 33.32 -11.58
CA ASP A 624 10.49 32.54 -10.89
C ASP A 624 9.99 32.03 -9.51
N LEU A 625 9.05 32.70 -8.84
CA LEU A 625 8.63 32.35 -7.46
C LEU A 625 7.21 31.78 -7.45
N SER A 626 7.06 30.55 -6.99
CA SER A 626 5.77 29.83 -6.82
C SER A 626 5.52 29.57 -5.33
N LEU A 627 4.29 29.74 -4.87
CA LEU A 627 3.92 29.69 -3.44
C LEU A 627 2.71 28.77 -3.28
N GLN A 628 2.71 27.94 -2.24
CA GLN A 628 1.66 26.91 -2.04
C GLN A 628 1.20 26.95 -0.57
N ALA A 629 -0.11 27.13 -0.39
CA ALA A 629 -0.81 26.88 0.89
C ALA A 629 -1.68 25.64 0.74
N THR A 630 -1.66 24.74 1.73
CA THR A 630 -2.46 23.50 1.71
C THR A 630 -3.23 23.37 3.02
N VAL A 631 -4.41 22.76 2.97
CA VAL A 631 -5.10 22.17 4.15
C VAL A 631 -5.61 20.78 3.80
N THR A 632 -5.44 19.85 4.74
CA THR A 632 -6.14 18.55 4.81
C THR A 632 -7.06 18.50 6.03
N TRP A 633 -8.36 18.31 5.79
CA TRP A 633 -9.40 18.01 6.81
C TRP A 633 -9.62 16.51 6.84
N TYR A 634 -9.42 15.90 8.01
CA TYR A 634 -9.79 14.50 8.31
C TYR A 634 -11.08 14.49 9.14
N GLY A 635 -12.07 13.75 8.65
CA GLY A 635 -13.28 13.41 9.42
C GLY A 635 -12.98 12.51 10.62
N LYS A 636 -14.03 12.27 11.42
CA LYS A 636 -14.11 11.29 12.53
C LYS A 636 -13.48 9.95 12.11
N GLN A 637 -12.92 9.23 13.07
CA GLN A 637 -12.40 7.85 12.87
C GLN A 637 -12.92 7.00 14.04
N LYS A 638 -13.70 5.94 13.76
CA LYS A 638 -14.36 5.05 14.76
C LYS A 638 -13.69 3.67 14.74
N PRO A 639 -13.37 3.08 15.91
CA PRO A 639 -12.75 1.75 15.94
C PRO A 639 -13.78 0.62 15.77
N LYS A 640 -13.32 -0.61 15.53
CA LYS A 640 -14.16 -1.83 15.51
C LYS A 640 -15.00 -1.88 16.79
N LYS A 641 -16.19 -2.51 16.70
CA LYS A 641 -17.17 -2.71 17.82
C LYS A 641 -16.81 -3.98 18.61
N TYR A 642 -16.23 -4.98 17.95
CA TYR A 642 -16.07 -6.36 18.49
C TYR A 642 -14.59 -6.68 18.68
N ASP A 643 -14.26 -7.40 19.76
CA ASP A 643 -12.89 -7.86 20.06
C ASP A 643 -12.64 -9.18 19.35
N TYR A 644 -11.54 -9.85 19.67
CA TYR A 644 -11.10 -11.08 18.99
C TYR A 644 -12.10 -12.20 19.30
N HIS A 645 -12.86 -12.05 20.39
CA HIS A 645 -13.84 -13.04 20.90
C HIS A 645 -15.13 -12.92 20.09
N GLY A 646 -15.35 -11.74 19.49
CA GLY A 646 -16.60 -11.31 18.84
C GLY A 646 -17.52 -10.60 19.82
N ASP A 647 -17.04 -10.36 21.05
CA ASP A 647 -17.81 -9.64 22.10
C ASP A 647 -17.58 -8.14 21.95
N ARG A 648 -18.52 -7.32 22.46
CA ARG A 648 -18.53 -5.84 22.35
C ARG A 648 -17.44 -5.24 23.25
N VAL A 649 -16.57 -4.39 22.71
CA VAL A 649 -15.48 -3.72 23.46
C VAL A 649 -16.11 -2.60 24.29
N THR A 650 -15.38 -2.13 25.32
CA THR A 650 -15.89 -1.24 26.40
C THR A 650 -14.74 -0.36 26.89
N GLY A 651 -15.04 0.68 27.68
CA GLY A 651 -14.07 1.69 28.10
C GLY A 651 -13.31 2.26 26.92
N SER A 652 -12.00 2.50 27.07
CA SER A 652 -11.18 3.31 26.13
C SER A 652 -11.00 2.57 24.78
N ALA A 653 -11.52 1.35 24.64
CA ALA A 653 -11.55 0.62 23.35
C ALA A 653 -12.59 1.25 22.40
N ASN A 654 -13.45 2.13 22.94
CA ASN A 654 -14.54 2.80 22.17
C ASN A 654 -14.09 4.18 21.66
N ASP A 655 -12.98 4.68 22.19
CA ASP A 655 -12.46 6.05 21.92
C ASP A 655 -12.49 6.28 20.41
N GLN A 656 -12.89 7.47 20.00
CA GLN A 656 -12.92 7.92 18.58
C GLN A 656 -11.90 9.06 18.42
N LEU A 657 -11.38 9.28 17.22
CA LEU A 657 -10.60 10.49 16.89
C LEU A 657 -11.54 11.54 16.29
N SER A 658 -11.59 12.71 16.92
CA SER A 658 -12.38 13.89 16.48
C SER A 658 -11.85 14.34 15.13
N PRO A 659 -12.68 14.93 14.25
CA PRO A 659 -12.18 15.57 13.03
C PRO A 659 -11.09 16.58 13.39
N TYR A 660 -10.07 16.68 12.53
CA TYR A 660 -8.96 17.63 12.70
C TYR A 660 -8.42 18.03 11.32
N ALA A 661 -7.69 19.13 11.26
CA ALA A 661 -7.07 19.63 10.02
C ALA A 661 -5.56 19.79 10.22
N ILE A 662 -4.81 19.64 9.12
CA ILE A 662 -3.36 19.92 9.00
C ILE A 662 -3.17 20.95 7.89
N ALA A 663 -2.58 22.11 8.21
CA ALA A 663 -2.30 23.19 7.24
C ALA A 663 -0.81 23.19 6.91
N GLY A 664 -0.43 23.69 5.74
CA GLY A 664 0.97 23.87 5.33
C GLY A 664 1.14 25.05 4.38
N LEU A 665 2.27 25.76 4.51
CA LEU A 665 2.79 26.70 3.50
C LEU A 665 4.06 26.09 2.92
N GLY A 666 4.37 26.45 1.68
CA GLY A 666 5.67 26.20 1.03
C GLY A 666 5.93 27.21 -0.07
N GLY A 667 7.14 27.20 -0.62
CA GLY A 667 7.46 27.84 -1.91
C GLY A 667 8.58 27.10 -2.60
N THR A 668 8.79 27.42 -3.89
CA THR A 668 10.00 27.09 -4.68
C THR A 668 10.47 28.37 -5.40
N TYR A 669 11.68 28.84 -5.07
CA TYR A 669 12.34 30.00 -5.71
C TYR A 669 13.42 29.50 -6.69
N ARG A 670 13.11 29.62 -7.98
CA ARG A 670 13.99 29.23 -9.11
C ARG A 670 15.09 30.31 -9.26
N LEU A 671 16.34 29.94 -8.97
CA LEU A 671 17.53 30.82 -9.07
C LEU A 671 18.03 30.87 -10.52
N SER A 672 17.76 29.82 -11.30
CA SER A 672 18.15 29.72 -12.73
C SER A 672 17.48 28.48 -13.34
N LYS A 673 17.70 28.26 -14.64
CA LYS A 673 17.30 27.01 -15.33
C LYS A 673 17.97 25.80 -14.68
N ASN A 674 19.06 26.01 -13.93
CA ASN A 674 19.96 24.95 -13.43
C ASN A 674 19.78 24.71 -11.93
N LEU A 675 19.14 25.63 -11.21
CA LEU A 675 19.06 25.59 -9.72
C LEU A 675 17.71 26.13 -9.22
N SER A 676 16.98 25.32 -8.45
CA SER A 676 15.73 25.69 -7.72
C SER A 676 15.89 25.39 -6.22
N LEU A 677 15.33 26.23 -5.36
CA LEU A 677 15.31 26.06 -3.89
C LEU A 677 13.87 26.00 -3.41
N GLY A 678 13.57 25.09 -2.48
CA GLY A 678 12.27 24.96 -1.81
C GLY A 678 12.39 25.16 -0.31
N ALA A 679 11.31 25.58 0.33
CA ALA A 679 11.21 25.76 1.80
C ALA A 679 9.73 25.84 2.16
N GLY A 680 9.36 25.34 3.35
CA GLY A 680 7.97 25.38 3.82
C GLY A 680 7.80 24.81 5.21
N VAL A 681 6.55 24.67 5.64
CA VAL A 681 6.13 24.15 6.97
C VAL A 681 4.94 23.21 6.76
N ASP A 682 5.10 21.95 7.12
CA ASP A 682 3.96 21.01 7.30
C ASP A 682 3.39 21.23 8.71
N ASN A 683 2.06 21.10 8.84
CA ASN A 683 1.32 21.25 10.13
C ASN A 683 1.68 22.59 10.81
N LEU A 684 1.37 23.70 10.13
CA LEU A 684 1.47 25.11 10.63
C LEU A 684 1.07 25.23 12.11
N PHE A 685 -0.12 24.72 12.48
CA PHE A 685 -0.78 24.94 13.80
C PHE A 685 -0.48 23.79 14.78
N ASP A 686 0.50 22.94 14.45
CA ASP A 686 1.08 21.93 15.38
C ASP A 686 -0.02 21.02 15.95
N LYS A 687 -1.01 20.66 15.15
CA LYS A 687 -2.01 19.64 15.54
C LYS A 687 -1.33 18.25 15.62
N ARG A 688 -1.26 17.65 16.81
CA ARG A 688 -0.48 16.40 17.02
C ARG A 688 -1.38 15.29 17.59
N LEU A 689 -1.16 14.06 17.15
CA LEU A 689 -1.83 12.85 17.67
C LEU A 689 -0.76 11.82 18.00
N PHE A 690 -1.11 10.91 18.91
CA PHE A 690 -0.19 9.95 19.59
C PHE A 690 -0.86 8.57 19.63
N ARG A 691 -0.10 7.55 19.28
CA ARG A 691 -0.56 6.14 19.34
C ARG A 691 -0.69 5.78 20.83
N ALA A 692 -1.90 5.42 21.26
CA ALA A 692 -2.22 5.00 22.65
C ALA A 692 -2.11 3.48 22.79
N GLY A 693 -2.00 2.79 21.65
CA GLY A 693 -1.91 1.33 21.58
C GLY A 693 -2.82 0.77 20.49
N ASN A 694 -3.16 -0.49 20.58
CA ASN A 694 -4.08 -1.17 19.64
C ASN A 694 -5.51 -0.81 20.07
N ALA A 695 -6.47 -1.24 19.26
CA ALA A 695 -7.88 -0.81 19.27
C ALA A 695 -8.65 -1.37 20.48
N GLN A 696 -8.38 -2.62 20.87
CA GLN A 696 -9.19 -3.35 21.86
C GLN A 696 -8.41 -3.52 23.17
N GLY A 697 -9.11 -3.83 24.26
CA GLY A 697 -8.49 -4.26 25.52
C GLY A 697 -7.90 -5.65 25.38
N VAL A 698 -6.73 -5.89 25.96
CA VAL A 698 -6.24 -7.22 26.42
C VAL A 698 -5.97 -7.13 27.92
N VAL A 699 -5.61 -8.26 28.55
CA VAL A 699 -5.24 -8.32 30.00
C VAL A 699 -4.03 -7.42 30.25
N GLY A 700 -4.18 -6.35 31.06
CA GLY A 700 -3.11 -5.45 31.48
C GLY A 700 -2.81 -4.34 30.48
N ILE A 701 -3.35 -4.42 29.25
CA ILE A 701 -3.24 -3.33 28.24
C ILE A 701 -4.63 -2.94 27.74
N ASP A 702 -5.23 -1.92 28.34
CA ASP A 702 -6.48 -1.28 27.86
C ASP A 702 -6.30 -0.94 26.39
N GLY A 703 -7.39 -0.99 25.63
CA GLY A 703 -7.45 -0.56 24.23
C GLY A 703 -7.26 0.94 24.07
N ALA A 704 -7.03 1.39 22.84
CA ALA A 704 -6.79 2.80 22.45
C ALA A 704 -7.79 3.23 21.37
N GLY A 705 -8.74 2.37 21.02
CA GLY A 705 -9.78 2.61 20.00
C GLY A 705 -9.16 3.07 18.68
N ALA A 706 -9.56 4.23 18.19
CA ALA A 706 -9.08 4.72 16.89
C ALA A 706 -7.74 5.45 17.04
N ALA A 707 -7.23 5.59 18.27
CA ALA A 707 -6.00 6.37 18.55
C ALA A 707 -4.78 5.45 18.37
N THR A 708 -4.52 5.00 17.13
CA THR A 708 -3.56 3.89 16.87
C THR A 708 -2.34 4.35 16.07
N TYR A 709 -2.20 5.65 15.77
CA TYR A 709 -1.07 6.18 14.97
C TYR A 709 -0.63 7.54 15.52
N ASN A 710 0.60 7.92 15.18
CA ASN A 710 1.20 9.24 15.53
C ASN A 710 1.03 10.21 14.34
N GLU A 711 0.39 11.35 14.57
CA GLU A 711 0.36 12.48 13.61
C GLU A 711 1.47 13.44 14.00
N PRO A 712 2.47 13.68 13.11
CA PRO A 712 3.59 14.55 13.42
C PRO A 712 3.18 16.02 13.56
N GLY A 713 3.96 16.78 14.34
CA GLY A 713 3.70 18.19 14.66
C GLY A 713 4.26 19.11 13.59
N ARG A 714 4.34 20.40 13.89
CA ARG A 714 4.99 21.40 13.01
C ARG A 714 6.37 20.87 12.63
N THR A 715 6.73 21.03 11.36
CA THR A 715 7.95 20.46 10.73
C THR A 715 8.37 21.41 9.59
N PHE A 716 9.48 22.13 9.76
CA PHE A 716 10.07 22.97 8.69
C PHE A 716 10.81 22.02 7.76
N TYR A 717 10.95 22.39 6.49
CA TYR A 717 11.69 21.61 5.47
C TYR A 717 12.33 22.58 4.49
N THR A 718 13.47 22.17 3.92
CA THR A 718 14.19 22.91 2.86
C THR A 718 14.64 21.92 1.79
N SER A 719 14.82 22.37 0.56
CA SER A 719 15.16 21.50 -0.59
C SER A 719 15.97 22.31 -1.61
N LEU A 720 16.75 21.61 -2.43
CA LEU A 720 17.62 22.18 -3.47
C LEU A 720 17.73 21.18 -4.62
N THR A 721 17.39 21.59 -5.84
CA THR A 721 17.47 20.75 -7.08
C THR A 721 18.31 21.47 -8.12
N ALA A 722 19.47 20.90 -8.46
CA ALA A 722 20.34 21.31 -9.60
C ALA A 722 20.20 20.30 -10.74
N SER A 723 19.94 20.80 -11.95
CA SER A 723 19.61 19.95 -13.12
C SER A 723 20.08 20.65 -14.40
N PHE A 724 20.70 19.86 -15.29
CA PHE A 724 20.84 20.12 -16.74
C PHE A 724 19.90 19.19 -17.49
#